data_8EMR
#
_entry.id   8EMR
#
_cell.length_a   1.00
_cell.length_b   1.00
_cell.length_c   1.00
_cell.angle_alpha   90.00
_cell.angle_beta   90.00
_cell.angle_gamma   90.00
#
_symmetry.space_group_name_H-M   'P 1'
#
loop_
_entity.id
_entity.type
_entity.pdbx_description
1 polymer 'Neutral alpha-glucosidase AB'
2 polymer 'Glucosidase 2 subunit beta'
3 branched alpha-D-mannopyranose-(1-3)-beta-D-mannopyranose-(1-4)-2-acetamido-2-deoxy-beta-D-glucopyranose-(1-4)-2-acetamido-2-deoxy-beta-D-glucopyranose
4 non-polymer 'CALCIUM ION'
#
loop_
_entity_poly.entity_id
_entity_poly.type
_entity_poly.pdbx_seq_one_letter_code
_entity_poly.pdbx_strand_id
1 'polypeptide(L)'
;MAAVAAVAARRRRSWASLVLAFLGVCLGITLAVDRSNFKTCEESSFCKRQRSIRPGLSPYRALLDSLQLGPDSLTVHLIH
EVTKVLLVLELQGLQKNMTRFRIDELEPRRPRYRVPDVLVADPPIARLSVSGRDENSVELTMAEGPYKIILTARPFRLDL
LEDRSLLLSVNARGLLEFEHQRAPRVSQGSKDPAEGDGAQPEETPRDGDKPEETQGKAEKDEPGAWEETFKTHSDSKPYG
PMSVGLDFSLPGMEHVYGIPEHADNLRLKVTEGGEPYRLYNLDVFQYELYNPMALYGSVPVLLAHNPHRDLGIFWLNAAE
TWVDISSNTAGKTLFGKMMDYLQGSGETPQTDVRWMSETGIIDVFLLLGPSISDVFRQYASLTGTQALPPLFSLGYHQSR
WNYRDEADVLEVDQGFDDHNLPCDVIWLDIEHADGKRYFTWDPSRFPQPRTMLERLASKRRKLVAIVDPHIKVDSGYRVH
EELRNLGLYVKTRDGSDYEGWCWPGSAGYPDFTNPTMRAWWANMFSYDNYEGSAPNLFVWNDMNEPSVFNGPEVTMLKDA
QHYGGWEHRDVHNIYGLYVHMATADGLRQRSGGMERPFVLARAFFAGSQRFGAVWTGDNTAEWDHLKISIPMCLSLGLVG
LSFCGADVGGFFKNPEPELLVRWYQMGAYQPFFRAHAHLDTGRREPWLLPSQHNDIIRDALGQRYSLLPFWYTLLYQAHR
EGIPVMRPLWVQYPQDVTTFNIDDQYLLGDALLVHPVSDSGAHGVQVYLPGQGEVWYDIQSYQKHHGPQTLYLPVTLSSI
PVFQRGGTIVPRWMRVRRSSECMKDDPITLFVALSPQGTAQGELFLDDGHTFNYQTRQEFLLRRFSFSGNTLVSSSADPE
GHFETPIWIERVVIIGAGKPAAVVLQTKGSPESRLSFQHDPETSVLVLRKPGINVASDWSIHLR
;
A
2 'polypeptide(L)'
;MLLPLLLLLPMCWAVEVKRPRGVSLTNHHFYDESKPFTCLDGSATIPFDQVNDDYCDCKDGSDEPGTAACPNGSFHCTNT
GYKPLYIPSNRVNDGVCDCCDGTDEYNSGVICENTCKEKGRKERESLQQMAEVTREGFRLKKILIEDWKKAREEKQKKLI
ELQAGKKSLEDQVEMLRTVKEEAEKPEREAKEQHQKLWEEQLAAAKAQQEQELAADAFKELDDDMDGTVSVTELQTHPEL
DTDGDGALSEAEAQALLSGDTQTDATSFYDRVWAAIRDKYRSEALPTDLPAPSAPDLTEPKEEQPPVPSSPTEEEEEEEE
EEEEEAEEEEEEEDSEEAPPPLSPPQPASPAEEDKMPPYDEQTQAFIDAAQEARNKFEEAERSLKDMEESIRNLEQEISF
DFGPNGEFAYLYSQCYELTTNEYVYRLCPFKLVSQKPKLGGSPTSLGTWGSWIGPDHDKFSAMKYEQGTGCWQGPNRSTT
VRLLCGKETMVTSTTEPSRCEYLMELMTPAACPEPPPEAPTEDDHDEL
;
B
#
loop_
_chem_comp.id
_chem_comp.type
_chem_comp.name
_chem_comp.formula
BMA D-saccharide, beta linking beta-D-mannopyranose 'C6 H12 O6'
CA non-polymer 'CALCIUM ION' 'Ca 2'
MAN D-saccharide, alpha linking alpha-D-mannopyranose 'C6 H12 O6'
NAG D-saccharide, beta linking 2-acetamido-2-deoxy-beta-D-glucopyranose 'C8 H15 N O6'
#
# COMPACT_ATOMS: atom_id res chain seq x y z
N VAL A 33 -19.46 10.75 -14.76
CA VAL A 33 -18.46 11.81 -14.64
C VAL A 33 -19.05 13.06 -15.30
N ASP A 34 -18.59 14.22 -14.87
CA ASP A 34 -18.95 15.50 -15.50
C ASP A 34 -17.65 16.24 -15.79
N ARG A 35 -17.25 16.24 -17.07
CA ARG A 35 -16.01 16.88 -17.48
C ARG A 35 -16.10 18.41 -17.48
N SER A 36 -17.30 18.96 -17.31
CA SER A 36 -17.44 20.42 -17.28
C SER A 36 -16.78 21.02 -16.05
N ASN A 37 -16.83 20.33 -14.91
CA ASN A 37 -16.28 20.84 -13.66
C ASN A 37 -14.79 20.65 -13.54
N PHE A 38 -14.08 20.30 -14.61
CA PHE A 38 -12.64 20.10 -14.55
C PHE A 38 -11.98 20.77 -15.74
N LYS A 39 -10.80 21.31 -15.51
CA LYS A 39 -10.08 22.07 -16.53
C LYS A 39 -9.31 21.14 -17.46
N THR A 40 -9.26 21.53 -18.73
CA THR A 40 -8.34 20.94 -19.69
C THR A 40 -7.12 21.84 -19.82
N CYS A 41 -6.23 21.53 -20.76
CA CYS A 41 -5.06 22.38 -20.96
C CYS A 41 -5.43 23.71 -21.62
N GLU A 42 -6.54 23.76 -22.36
CA GLU A 42 -7.00 25.03 -22.92
C GLU A 42 -7.56 25.94 -21.83
N GLU A 43 -8.39 25.39 -20.94
CA GLU A 43 -8.95 26.18 -19.86
C GLU A 43 -7.88 26.59 -18.85
N SER A 44 -6.93 25.71 -18.57
CA SER A 44 -5.82 26.06 -17.70
C SER A 44 -4.87 27.00 -18.43
N SER A 45 -4.66 28.19 -17.87
CA SER A 45 -3.92 29.22 -18.59
C SER A 45 -2.44 28.87 -18.74
N PHE A 46 -1.82 28.39 -17.66
CA PHE A 46 -0.38 28.15 -17.70
C PHE A 46 -0.03 26.97 -18.59
N CYS A 47 -0.87 25.93 -18.60
CA CYS A 47 -0.65 24.81 -19.51
C CYS A 47 -0.72 25.26 -20.97
N LYS A 48 -1.70 26.10 -21.29
CA LYS A 48 -1.84 26.60 -22.66
C LYS A 48 -0.65 27.48 -23.04
N ARG A 49 -0.20 28.34 -22.13
CA ARG A 49 0.89 29.24 -22.44
C ARG A 49 2.23 28.52 -22.48
N GLN A 50 2.34 27.36 -21.83
CA GLN A 50 3.59 26.61 -21.83
C GLN A 50 3.69 25.60 -22.97
N ARG A 51 2.57 24.98 -23.35
CA ARG A 51 2.61 24.05 -24.47
C ARG A 51 2.63 24.73 -25.82
N SER A 52 2.47 26.06 -25.86
CA SER A 52 2.55 26.79 -27.12
C SER A 52 3.98 26.88 -27.66
N ILE A 53 4.97 26.50 -26.86
CA ILE A 53 6.37 26.57 -27.26
C ILE A 53 6.71 25.31 -28.04
N ARG A 54 7.02 25.46 -29.33
CA ARG A 54 7.42 24.33 -30.14
C ARG A 54 8.88 23.96 -29.82
N PRO A 55 9.22 22.68 -29.97
CA PRO A 55 10.62 22.28 -29.78
C PRO A 55 11.54 22.95 -30.79
N GLY A 56 12.74 23.30 -30.33
CA GLY A 56 13.69 23.99 -31.19
C GLY A 56 14.86 24.50 -30.38
N LEU A 57 15.53 25.50 -30.93
CA LEU A 57 16.67 26.11 -30.26
C LEU A 57 16.21 26.84 -29.00
N SER A 58 17.00 26.70 -27.94
CA SER A 58 16.62 27.30 -26.66
C SER A 58 17.28 28.65 -26.48
N PRO A 59 16.56 29.64 -25.94
CA PRO A 59 17.18 30.94 -25.66
C PRO A 59 18.04 30.96 -24.41
N TYR A 60 17.81 30.04 -23.48
CA TYR A 60 18.60 30.02 -22.25
C TYR A 60 20.00 29.50 -22.54
N ARG A 61 21.00 30.14 -21.92
CA ARG A 61 22.38 29.74 -22.10
C ARG A 61 23.11 29.89 -20.78
N ALA A 62 24.24 29.19 -20.67
CA ALA A 62 25.03 29.16 -19.45
C ALA A 62 26.30 29.98 -19.62
N LEU A 63 26.58 30.84 -18.64
CA LEU A 63 27.80 31.63 -18.62
C LEU A 63 28.86 30.86 -17.84
N LEU A 64 29.90 30.40 -18.53
CA LEU A 64 30.91 29.57 -17.91
C LEU A 64 31.91 30.36 -17.06
N ASP A 65 31.94 31.68 -17.19
CA ASP A 65 32.82 32.48 -16.34
C ASP A 65 32.26 32.62 -14.93
N SER A 66 30.94 32.65 -14.79
CA SER A 66 30.29 32.73 -13.48
C SER A 66 29.90 31.33 -12.99
N LEU A 67 30.91 30.48 -12.87
CA LEU A 67 30.74 29.11 -12.41
C LEU A 67 31.57 28.91 -11.15
N GLN A 68 30.93 28.45 -10.08
CA GLN A 68 31.59 28.24 -8.81
C GLN A 68 31.43 26.79 -8.39
N LEU A 69 32.54 26.09 -8.21
CA LEU A 69 32.54 24.69 -7.77
C LEU A 69 32.96 24.63 -6.32
N GLY A 70 32.09 24.09 -5.48
CA GLY A 70 32.39 23.89 -4.09
C GLY A 70 32.23 22.43 -3.70
N PRO A 71 32.77 22.04 -2.54
CA PRO A 71 32.56 20.66 -2.07
C PRO A 71 31.09 20.32 -1.88
N ASP A 72 30.28 21.29 -1.44
CA ASP A 72 28.87 21.03 -1.20
C ASP A 72 28.08 20.92 -2.50
N SER A 73 28.34 21.80 -3.47
CA SER A 73 27.54 21.86 -4.68
C SER A 73 28.26 22.63 -5.77
N LEU A 74 27.62 22.70 -6.93
CA LEU A 74 28.09 23.48 -8.06
C LEU A 74 27.03 24.53 -8.39
N THR A 75 27.47 25.76 -8.62
CA THR A 75 26.56 26.86 -8.92
C THR A 75 26.94 27.52 -10.24
N VAL A 76 25.94 27.82 -11.06
CA VAL A 76 26.17 28.51 -12.33
C VAL A 76 25.01 29.45 -12.57
N HIS A 77 25.26 30.49 -13.37
CA HIS A 77 24.24 31.46 -13.75
C HIS A 77 23.84 31.26 -15.20
N LEU A 78 22.55 31.11 -15.45
CA LEU A 78 21.99 31.05 -16.78
C LEU A 78 21.35 32.38 -17.14
N ILE A 79 21.31 32.68 -18.43
CA ILE A 79 20.74 33.92 -18.92
C ILE A 79 19.77 33.60 -20.06
N HIS A 80 18.77 34.46 -20.22
CA HIS A 80 17.83 34.39 -21.32
C HIS A 80 18.29 35.33 -22.42
N GLU A 81 18.36 34.81 -23.65
CA GLU A 81 18.92 35.60 -24.75
C GLU A 81 18.04 36.81 -25.07
N VAL A 82 16.72 36.64 -24.98
CA VAL A 82 15.80 37.69 -25.41
C VAL A 82 15.54 38.69 -24.29
N THR A 83 14.97 38.21 -23.18
CA THR A 83 14.51 39.10 -22.12
C THR A 83 15.60 39.44 -21.10
N LYS A 84 16.74 38.75 -21.14
CA LYS A 84 17.88 39.03 -20.27
C LYS A 84 17.50 38.91 -18.79
N VAL A 85 17.12 37.70 -18.39
CA VAL A 85 16.74 37.39 -17.02
C VAL A 85 17.72 36.35 -16.49
N LEU A 86 18.33 36.65 -15.34
CA LEU A 86 19.33 35.78 -14.75
C LEU A 86 18.69 34.73 -13.85
N LEU A 87 19.11 33.48 -14.02
CA LEU A 87 18.69 32.36 -13.20
C LEU A 87 19.92 31.69 -12.62
N VAL A 88 19.71 30.91 -11.56
CA VAL A 88 20.76 30.19 -10.86
C VAL A 88 20.45 28.71 -10.94
N LEU A 89 21.42 27.93 -11.41
CA LEU A 89 21.37 26.48 -11.43
C LEU A 89 22.34 25.94 -10.39
N GLU A 90 21.82 25.12 -9.48
CA GLU A 90 22.60 24.49 -8.42
C GLU A 90 22.52 22.98 -8.61
N LEU A 91 23.68 22.34 -8.73
CA LEU A 91 23.79 20.92 -9.04
C LEU A 91 24.52 20.22 -7.90
N GLN A 92 23.96 19.08 -7.47
CA GLN A 92 24.53 18.26 -6.41
C GLN A 92 24.53 16.80 -6.84
N GLY A 93 25.57 16.07 -6.43
CA GLY A 93 25.65 14.63 -6.61
C GLY A 93 25.46 13.94 -5.28
N LEU A 94 24.47 13.06 -5.22
CA LEU A 94 24.10 12.34 -4.01
C LEU A 94 24.54 10.89 -4.14
N GLN A 95 25.01 10.34 -3.02
CA GLN A 95 25.54 8.98 -3.01
C GLN A 95 24.44 7.96 -3.35
N LYS A 96 24.86 6.71 -3.51
CA LYS A 96 24.01 5.63 -4.00
C LYS A 96 23.43 5.97 -5.38
N ASN A 97 24.26 6.58 -6.23
CA ASN A 97 23.96 6.85 -7.64
C ASN A 97 22.72 7.73 -7.79
N MET A 98 22.83 8.97 -7.30
CA MET A 98 21.76 9.93 -7.46
C MET A 98 22.33 11.31 -7.78
N THR A 99 21.50 12.16 -8.37
CA THR A 99 21.86 13.57 -8.53
C THR A 99 20.62 14.43 -8.39
N ARG A 100 20.83 15.72 -8.13
CA ARG A 100 19.74 16.65 -7.90
C ARG A 100 20.11 18.02 -8.40
N PHE A 101 19.24 18.64 -9.20
CA PHE A 101 19.51 19.99 -9.67
C PHE A 101 18.30 20.88 -9.47
N ARG A 102 18.59 22.14 -9.18
CA ARG A 102 17.59 23.17 -8.88
C ARG A 102 17.86 24.41 -9.72
N ILE A 103 16.78 24.99 -10.23
CA ILE A 103 16.82 26.24 -10.98
C ILE A 103 15.89 27.23 -10.31
N ASP A 104 16.41 28.44 -10.03
CA ASP A 104 15.61 29.46 -9.36
C ASP A 104 16.14 30.83 -9.72
N GLU A 105 15.28 31.85 -9.61
CA GLU A 105 15.68 33.22 -9.95
C GLU A 105 16.81 33.70 -9.05
N LEU A 106 17.56 34.68 -9.54
CA LEU A 106 18.70 35.23 -8.82
C LEU A 106 18.31 36.47 -8.01
N GLU A 107 17.56 37.39 -8.63
CA GLU A 107 16.95 38.51 -7.90
C GLU A 107 15.43 38.37 -7.98
N PRO A 108 14.78 37.72 -7.03
CA PRO A 108 13.32 37.66 -7.03
C PRO A 108 12.70 38.78 -6.19
N ARG A 109 11.48 39.17 -6.59
CA ARG A 109 10.72 40.11 -5.77
C ARG A 109 10.39 39.51 -4.42
N ARG A 110 9.98 38.24 -4.41
CA ARG A 110 9.75 37.48 -3.20
C ARG A 110 10.27 36.06 -3.42
N PRO A 111 10.69 35.38 -2.37
CA PRO A 111 11.17 34.00 -2.53
C PRO A 111 10.06 33.07 -2.99
N ARG A 112 10.45 32.06 -3.76
CA ARG A 112 9.52 31.07 -4.25
C ARG A 112 9.40 29.90 -3.26
N TYR A 113 8.38 29.07 -3.47
CA TYR A 113 8.10 27.98 -2.55
C TYR A 113 9.05 26.81 -2.76
N ARG A 114 9.61 26.32 -1.66
CA ARG A 114 10.41 25.10 -1.64
C ARG A 114 9.72 24.11 -0.71
N VAL A 115 9.48 22.90 -1.20
CA VAL A 115 8.64 21.92 -0.50
C VAL A 115 9.37 21.35 0.71
N PRO A 116 8.85 21.54 1.93
CA PRO A 116 9.46 20.92 3.11
C PRO A 116 8.78 19.62 3.50
N ASP A 117 9.40 18.89 4.44
CA ASP A 117 8.80 17.75 5.13
C ASP A 117 8.52 16.56 4.21
N VAL A 118 8.87 16.67 2.93
CA VAL A 118 8.73 15.52 2.03
C VAL A 118 9.96 14.62 2.15
N LEU A 119 11.15 15.20 2.06
CA LEU A 119 12.37 14.46 2.28
C LEU A 119 12.55 14.18 3.76
N VAL A 120 12.93 12.95 4.10
CA VAL A 120 13.08 12.57 5.50
C VAL A 120 14.26 13.28 6.13
N ALA A 121 15.35 13.45 5.39
CA ALA A 121 16.55 14.08 5.90
C ALA A 121 17.36 14.62 4.72
N ASP A 122 18.42 15.34 5.04
CA ASP A 122 19.31 15.88 4.02
C ASP A 122 20.11 14.73 3.41
N PRO A 123 20.03 14.50 2.10
CA PRO A 123 20.77 13.39 1.50
C PRO A 123 22.26 13.64 1.56
N PRO A 124 23.07 12.58 1.65
CA PRO A 124 24.53 12.75 1.61
C PRO A 124 24.99 13.25 0.25
N ILE A 125 26.13 13.94 0.27
CA ILE A 125 26.66 14.61 -0.91
C ILE A 125 27.89 13.86 -1.41
N ALA A 126 27.97 13.69 -2.73
CA ALA A 126 29.14 13.12 -3.38
C ALA A 126 29.90 14.25 -4.07
N ARG A 127 31.20 14.30 -3.84
CA ARG A 127 32.01 15.41 -4.33
C ARG A 127 32.13 15.39 -5.84
N LEU A 128 31.94 16.55 -6.46
CA LEU A 128 32.06 16.71 -7.91
C LEU A 128 33.36 17.43 -8.25
N SER A 129 34.11 16.90 -9.21
CA SER A 129 35.36 17.49 -9.64
C SER A 129 35.36 17.61 -11.16
N VAL A 130 35.98 18.69 -11.64
CA VAL A 130 36.02 18.99 -13.08
C VAL A 130 36.97 18.00 -13.74
N SER A 131 36.43 17.13 -14.59
CA SER A 131 37.25 16.17 -15.31
C SER A 131 37.90 16.81 -16.53
N GLY A 132 37.10 17.43 -17.39
CA GLY A 132 37.61 18.08 -18.57
C GLY A 132 36.92 19.41 -18.80
N ARG A 133 37.61 20.29 -19.53
CA ARG A 133 37.14 21.64 -19.77
C ARG A 133 37.24 21.97 -21.25
N ASP A 134 36.21 22.62 -21.79
CA ASP A 134 36.19 23.07 -23.16
C ASP A 134 35.50 24.43 -23.21
N GLU A 135 35.66 25.12 -24.33
CA GLU A 135 35.11 26.46 -24.48
C GLU A 135 33.59 26.46 -24.38
N ASN A 136 32.95 25.42 -24.92
CA ASN A 136 31.49 25.39 -24.93
C ASN A 136 30.93 24.48 -23.84
N SER A 137 31.64 23.42 -23.50
CA SER A 137 31.14 22.43 -22.55
C SER A 137 32.18 22.15 -21.48
N VAL A 138 31.70 21.81 -20.28
CA VAL A 138 32.54 21.41 -19.15
C VAL A 138 31.95 20.14 -18.56
N GLU A 139 32.80 19.15 -18.31
CA GLU A 139 32.37 17.86 -17.78
C GLU A 139 32.96 17.67 -16.39
N LEU A 140 32.14 17.14 -15.48
CA LEU A 140 32.52 16.89 -14.10
C LEU A 140 32.24 15.44 -13.76
N THR A 141 33.17 14.81 -13.04
CA THR A 141 32.92 13.47 -12.54
C THR A 141 31.93 13.51 -11.38
N MET A 142 31.07 12.50 -11.32
CA MET A 142 30.05 12.44 -10.28
C MET A 142 30.68 12.24 -8.90
N ALA A 143 31.54 11.24 -8.77
CA ALA A 143 32.19 10.90 -7.52
C ALA A 143 33.38 9.99 -7.83
N GLU A 144 33.96 9.35 -6.81
CA GLU A 144 34.91 8.28 -7.04
C GLU A 144 34.14 7.11 -7.65
N GLY A 145 33.88 7.23 -8.95
CA GLY A 145 33.03 6.32 -9.66
C GLY A 145 32.95 6.64 -11.14
N PRO A 146 32.08 5.93 -11.86
CA PRO A 146 32.08 6.03 -13.33
C PRO A 146 31.18 7.12 -13.90
N TYR A 147 30.17 7.55 -13.14
CA TYR A 147 29.20 8.51 -13.67
C TYR A 147 29.83 9.88 -13.86
N LYS A 148 29.31 10.63 -14.82
CA LYS A 148 29.79 11.98 -15.09
C LYS A 148 28.69 12.81 -15.74
N ILE A 149 28.84 14.13 -15.65
CA ILE A 149 27.85 15.08 -16.13
C ILE A 149 28.53 16.10 -17.04
N ILE A 150 27.95 16.34 -18.20
CA ILE A 150 28.46 17.34 -19.15
C ILE A 150 27.47 18.48 -19.23
N LEU A 151 27.95 19.71 -19.02
CA LEU A 151 27.13 20.91 -19.10
C LEU A 151 27.62 21.74 -20.28
N THR A 152 26.70 22.08 -21.19
CA THR A 152 27.04 22.88 -22.36
C THR A 152 26.50 24.30 -22.19
N ALA A 153 27.24 25.25 -22.76
CA ALA A 153 26.89 26.66 -22.60
C ALA A 153 25.80 27.09 -23.58
N ARG A 154 26.07 27.00 -24.87
CA ARG A 154 25.16 27.49 -25.90
C ARG A 154 24.72 26.36 -26.82
N PRO A 155 23.48 25.87 -26.71
CA PRO A 155 22.46 26.21 -25.71
C PRO A 155 22.70 25.46 -24.40
N PHE A 156 22.01 25.82 -23.33
CA PHE A 156 22.18 25.13 -22.07
C PHE A 156 21.64 23.71 -22.17
N ARG A 157 22.45 22.73 -21.78
CA ARG A 157 22.07 21.33 -21.85
C ARG A 157 22.92 20.52 -20.89
N LEU A 158 22.29 19.57 -20.20
CA LEU A 158 22.96 18.65 -19.31
C LEU A 158 22.86 17.24 -19.85
N ASP A 159 23.98 16.53 -19.85
CA ASP A 159 24.04 15.15 -20.32
C ASP A 159 24.65 14.27 -19.24
N LEU A 160 24.06 13.10 -19.02
CA LEU A 160 24.52 12.14 -18.04
C LEU A 160 25.20 10.99 -18.76
N LEU A 161 26.41 10.64 -18.33
CA LEU A 161 27.16 9.55 -18.94
C LEU A 161 27.55 8.53 -17.89
N GLU A 162 27.19 7.27 -18.13
CA GLU A 162 27.74 6.14 -17.37
C GLU A 162 28.94 5.67 -18.18
N ASP A 163 30.13 6.09 -17.75
CA ASP A 163 31.38 5.95 -18.50
C ASP A 163 31.17 6.62 -19.84
N ARG A 164 31.09 5.89 -20.95
CA ARG A 164 30.86 6.48 -22.27
C ARG A 164 29.44 6.25 -22.78
N SER A 165 28.54 5.78 -21.94
CA SER A 165 27.17 5.47 -22.34
C SER A 165 26.23 6.58 -21.88
N LEU A 166 25.46 7.11 -22.84
CA LEU A 166 24.51 8.18 -22.53
C LEU A 166 23.28 7.61 -21.84
N LEU A 167 22.87 8.27 -20.76
CA LEU A 167 21.69 7.85 -19.99
C LEU A 167 20.47 8.68 -20.34
N LEU A 168 20.56 10.00 -20.17
CA LEU A 168 19.45 10.90 -20.50
C LEU A 168 20.00 12.30 -20.73
N SER A 169 19.17 13.15 -21.32
CA SER A 169 19.54 14.52 -21.61
C SER A 169 18.54 15.48 -20.99
N VAL A 170 19.03 16.66 -20.60
CA VAL A 170 18.23 17.69 -19.99
C VAL A 170 18.20 18.90 -20.91
N ASN A 171 16.99 19.40 -21.20
CA ASN A 171 16.78 20.53 -22.12
C ASN A 171 17.36 20.24 -23.49
N ALA A 172 17.15 19.01 -23.98
CA ALA A 172 17.65 18.64 -25.30
C ALA A 172 16.85 19.31 -26.41
N ARG A 173 15.54 19.40 -26.25
CA ARG A 173 14.68 19.98 -27.27
C ARG A 173 14.41 21.46 -27.05
N GLY A 174 15.03 22.07 -26.05
CA GLY A 174 14.84 23.48 -25.78
C GLY A 174 13.44 23.84 -25.31
N LEU A 175 12.85 23.03 -24.44
CA LEU A 175 11.51 23.26 -23.93
C LEU A 175 11.50 23.87 -22.53
N LEU A 176 12.65 24.36 -22.06
CA LEU A 176 12.73 24.98 -20.75
C LEU A 176 12.00 26.32 -20.77
N GLU A 177 11.09 26.50 -19.81
CA GLU A 177 10.33 27.73 -19.67
C GLU A 177 10.35 28.18 -18.22
N PHE A 178 10.64 29.46 -18.01
CA PHE A 178 10.72 30.02 -16.66
C PHE A 178 10.11 31.42 -16.71
N GLU A 179 8.82 31.52 -16.43
CA GLU A 179 8.14 32.81 -16.39
C GLU A 179 8.58 33.56 -15.14
N HIS A 180 9.38 34.61 -15.31
CA HIS A 180 9.94 35.34 -14.20
C HIS A 180 8.87 36.18 -13.51
N GLN A 181 9.21 36.72 -12.35
CA GLN A 181 8.27 37.48 -11.53
C GLN A 181 8.01 38.84 -12.18
N ARG A 182 6.80 39.03 -12.68
CA ARG A 182 6.45 40.22 -13.42
C ARG A 182 6.26 41.42 -12.49
N ALA A 183 5.86 42.55 -13.07
CA ALA A 183 5.63 43.76 -12.30
C ALA A 183 4.42 43.58 -11.40
N PRO A 184 4.46 44.08 -10.16
CA PRO A 184 3.31 43.93 -9.26
C PRO A 184 2.14 44.82 -9.65
N ARG A 185 1.41 44.44 -10.70
CA ARG A 185 0.27 45.22 -11.15
C ARG A 185 -1.01 44.78 -10.45
N GLU A 222 -2.93 40.56 -22.09
CA GLU A 222 -2.94 39.17 -22.55
C GLU A 222 -3.75 38.29 -21.60
N PRO A 223 -4.76 37.61 -22.13
CA PRO A 223 -5.60 36.75 -21.29
C PRO A 223 -4.82 35.58 -20.72
N GLY A 224 -5.17 35.20 -19.49
CA GLY A 224 -4.58 34.07 -18.82
C GLY A 224 -3.32 34.36 -18.05
N ALA A 225 -2.75 35.56 -18.17
CA ALA A 225 -1.55 35.94 -17.42
C ALA A 225 -1.90 36.63 -16.10
N TRP A 226 -3.18 36.81 -15.81
CA TRP A 226 -3.62 37.52 -14.61
C TRP A 226 -4.94 36.90 -14.17
N GLU A 227 -5.70 37.64 -13.36
CA GLU A 227 -6.95 37.17 -12.76
C GLU A 227 -7.87 36.52 -13.79
N GLU A 228 -8.11 35.22 -13.63
CA GLU A 228 -8.95 34.47 -14.53
C GLU A 228 -10.37 34.37 -13.97
N THR A 229 -11.20 33.55 -14.60
CA THR A 229 -12.57 33.32 -14.14
C THR A 229 -12.98 31.92 -14.57
N PHE A 230 -13.44 31.11 -13.62
CA PHE A 230 -13.91 29.76 -13.89
C PHE A 230 -15.39 29.86 -14.31
N LYS A 231 -16.11 28.74 -14.31
CA LYS A 231 -17.51 28.75 -14.72
C LYS A 231 -18.32 29.76 -13.92
N THR A 232 -18.13 29.81 -12.60
CA THR A 232 -18.76 30.83 -11.78
C THR A 232 -17.85 31.35 -10.68
N HIS A 233 -16.59 30.95 -10.65
CA HIS A 233 -15.65 31.34 -9.61
C HIS A 233 -14.52 32.16 -10.21
N SER A 234 -14.19 33.29 -9.58
CA SER A 234 -13.10 34.14 -10.04
C SER A 234 -11.84 33.82 -9.26
N ASP A 235 -10.78 33.45 -9.98
CA ASP A 235 -9.49 33.11 -9.37
C ASP A 235 -8.51 34.24 -9.67
N SER A 236 -8.24 35.05 -8.67
CA SER A 236 -7.30 36.15 -8.83
C SER A 236 -5.86 35.65 -8.81
N LYS A 237 -4.99 36.41 -9.44
CA LYS A 237 -3.54 36.15 -9.46
C LYS A 237 -2.83 37.41 -9.04
N PRO A 238 -2.70 37.66 -7.74
CA PRO A 238 -2.03 38.89 -7.28
C PRO A 238 -0.58 38.99 -7.71
N TYR A 239 0.14 37.87 -7.82
CA TYR A 239 1.55 37.89 -8.13
C TYR A 239 1.86 37.60 -9.59
N GLY A 240 0.84 37.37 -10.42
CA GLY A 240 1.03 37.18 -11.84
C GLY A 240 1.43 35.77 -12.21
N PRO A 241 1.90 35.58 -13.44
CA PRO A 241 2.27 34.23 -13.89
C PRO A 241 3.68 33.84 -13.51
N MET A 242 3.84 32.64 -12.94
CA MET A 242 5.12 32.13 -12.48
C MET A 242 5.30 30.68 -12.91
N SER A 243 4.93 30.37 -14.15
CA SER A 243 4.98 28.99 -14.62
C SER A 243 6.41 28.51 -14.80
N VAL A 244 6.62 27.22 -14.56
CA VAL A 244 7.91 26.58 -14.74
C VAL A 244 7.72 25.33 -15.58
N GLY A 245 8.78 24.90 -16.25
CA GLY A 245 8.69 23.73 -17.10
C GLY A 245 10.05 23.25 -17.51
N LEU A 246 10.11 21.97 -17.86
CA LEU A 246 11.36 21.35 -18.30
C LEU A 246 11.02 20.10 -19.11
N ASP A 247 12.01 19.62 -19.86
CA ASP A 247 11.87 18.40 -20.63
C ASP A 247 13.10 17.52 -20.46
N PHE A 248 12.88 16.22 -20.44
CA PHE A 248 13.93 15.22 -20.37
C PHE A 248 13.77 14.24 -21.51
N SER A 249 14.90 13.74 -22.01
CA SER A 249 14.92 12.80 -23.12
C SER A 249 15.77 11.60 -22.73
N LEU A 250 15.18 10.41 -22.81
CA LEU A 250 15.86 9.18 -22.41
C LEU A 250 16.07 8.28 -23.63
N PRO A 251 17.27 8.26 -24.20
CA PRO A 251 17.49 7.43 -25.41
C PRO A 251 17.50 5.95 -25.09
N GLY A 252 16.96 5.16 -26.02
CA GLY A 252 16.99 3.71 -25.92
C GLY A 252 15.89 3.09 -25.10
N MET A 253 15.04 3.89 -24.46
CA MET A 253 13.98 3.40 -23.60
C MET A 253 12.63 3.74 -24.21
N GLU A 254 11.70 2.79 -24.15
CA GLU A 254 10.36 2.98 -24.71
C GLU A 254 9.25 2.71 -23.71
N HIS A 255 9.57 2.31 -22.48
CA HIS A 255 8.57 1.99 -21.47
C HIS A 255 8.76 2.89 -20.26
N VAL A 256 7.74 3.70 -19.97
CA VAL A 256 7.75 4.58 -18.80
C VAL A 256 6.46 4.38 -18.01
N TYR A 257 6.62 4.17 -16.71
CA TYR A 257 5.51 4.03 -15.77
C TYR A 257 5.62 5.14 -14.74
N GLY A 258 4.65 5.18 -13.82
CA GLY A 258 4.65 6.14 -12.72
C GLY A 258 3.40 6.99 -12.74
N ILE A 259 3.55 8.24 -12.28
CA ILE A 259 2.50 9.25 -12.08
C ILE A 259 1.18 8.60 -11.68
N PRO A 260 1.09 8.00 -10.49
CA PRO A 260 -0.08 7.19 -10.14
C PRO A 260 -1.36 7.99 -9.93
N GLU A 261 -2.41 7.28 -9.51
CA GLU A 261 -3.77 7.82 -9.38
C GLU A 261 -4.26 8.42 -10.69
N HIS A 262 -4.24 7.57 -11.72
CA HIS A 262 -4.93 7.83 -12.98
C HIS A 262 -5.61 6.53 -13.38
N ALA A 263 -6.89 6.61 -13.72
CA ALA A 263 -7.64 5.41 -14.09
C ALA A 263 -7.23 4.95 -15.48
N ASP A 264 -5.99 4.50 -15.61
CA ASP A 264 -5.41 4.11 -16.89
C ASP A 264 -4.67 2.79 -16.73
N ASN A 265 -4.04 2.34 -17.82
CA ASN A 265 -3.27 1.11 -17.78
C ASN A 265 -1.96 1.33 -17.03
N LEU A 266 -1.25 0.23 -16.79
CA LEU A 266 0.06 0.30 -16.14
C LEU A 266 1.06 1.06 -16.99
N ARG A 267 1.02 0.86 -18.30
CA ARG A 267 1.92 1.55 -19.22
C ARG A 267 1.31 2.87 -19.65
N LEU A 268 2.04 3.95 -19.45
CA LEU A 268 1.57 5.27 -19.86
C LEU A 268 1.67 5.41 -21.38
N LYS A 269 0.59 5.87 -21.98
CA LYS A 269 0.52 6.09 -23.42
C LYS A 269 0.98 7.50 -23.78
N VAL A 270 1.28 7.69 -25.06
CA VAL A 270 1.70 9.01 -25.53
C VAL A 270 0.53 9.98 -25.45
N THR A 271 0.86 11.25 -25.17
CA THR A 271 -0.16 12.27 -25.00
C THR A 271 -0.01 13.39 -26.00
N GLU A 272 0.24 13.04 -27.28
CA GLU A 272 0.36 14.03 -28.33
C GLU A 272 -0.94 14.31 -29.05
N GLY A 273 -1.87 13.35 -29.06
CA GLY A 273 -3.17 13.56 -29.66
C GLY A 273 -4.26 13.80 -28.64
N GLY A 274 -3.86 14.13 -27.41
CA GLY A 274 -4.80 14.34 -26.34
C GLY A 274 -4.22 15.17 -25.23
N GLU A 275 -4.94 15.20 -24.11
CA GLU A 275 -4.54 16.01 -22.97
C GLU A 275 -3.35 15.37 -22.25
N PRO A 276 -2.51 16.17 -21.61
CA PRO A 276 -1.42 15.62 -20.80
C PRO A 276 -1.95 14.98 -19.53
N TYR A 277 -1.11 14.16 -18.91
CA TYR A 277 -1.48 13.59 -17.63
C TYR A 277 -1.39 14.65 -16.54
N ARG A 278 -2.44 14.73 -15.73
CA ARG A 278 -2.61 15.81 -14.75
C ARG A 278 -2.34 15.28 -13.36
N LEU A 279 -1.39 15.91 -12.66
CA LEU A 279 -1.14 15.66 -11.24
C LEU A 279 -1.74 16.84 -10.48
N TYR A 280 -2.90 16.59 -9.87
CA TYR A 280 -3.62 17.59 -9.10
C TYR A 280 -4.64 16.87 -8.23
N ASN A 281 -4.57 17.09 -6.92
CA ASN A 281 -5.49 16.40 -6.01
C ASN A 281 -6.90 16.95 -6.17
N LEU A 282 -7.83 16.10 -6.56
CA LEU A 282 -9.21 16.50 -6.82
C LEU A 282 -10.16 15.39 -6.39
N ASP A 283 -11.39 15.78 -6.09
CA ASP A 283 -12.45 14.84 -5.74
C ASP A 283 -13.32 14.66 -6.97
N VAL A 284 -13.00 13.64 -7.78
CA VAL A 284 -13.72 13.36 -9.01
C VAL A 284 -14.88 12.43 -8.66
N PHE A 285 -16.10 12.90 -8.88
CA PHE A 285 -17.29 12.12 -8.56
C PHE A 285 -17.66 11.24 -9.73
N GLN A 286 -17.73 9.92 -9.49
CA GLN A 286 -18.09 8.92 -10.49
C GLN A 286 -17.15 8.98 -11.69
N TYR A 287 -15.87 8.81 -11.43
CA TYR A 287 -14.86 8.86 -12.47
C TYR A 287 -14.94 7.63 -13.36
N GLU A 288 -14.49 7.78 -14.61
CA GLU A 288 -14.43 6.71 -15.58
C GLU A 288 -12.99 6.27 -15.77
N LEU A 289 -12.77 5.37 -16.72
CA LEU A 289 -11.48 4.71 -16.92
C LEU A 289 -10.85 5.15 -18.23
N TYR A 290 -9.54 4.94 -18.31
CA TYR A 290 -8.74 5.22 -19.50
C TYR A 290 -8.82 6.70 -19.91
N ASN A 291 -8.51 7.56 -18.95
CA ASN A 291 -8.46 9.00 -19.16
C ASN A 291 -7.19 9.57 -18.53
N PRO A 292 -6.63 10.62 -19.12
CA PRO A 292 -5.47 11.28 -18.52
C PRO A 292 -5.81 12.33 -17.47
N MET A 293 -7.05 12.39 -17.01
CA MET A 293 -7.47 13.40 -16.05
C MET A 293 -7.00 13.03 -14.65
N ALA A 294 -6.92 14.06 -13.79
CA ALA A 294 -6.38 13.89 -12.45
C ALA A 294 -7.37 13.15 -11.55
N LEU A 295 -6.87 12.72 -10.41
CA LEU A 295 -7.65 11.95 -9.44
C LEU A 295 -7.27 12.42 -8.04
N TYR A 296 -7.62 11.62 -7.04
CA TYR A 296 -7.48 12.02 -5.64
C TYR A 296 -6.02 12.24 -5.27
N GLY A 297 -5.12 11.36 -5.70
CA GLY A 297 -3.73 11.43 -5.35
C GLY A 297 -2.85 11.90 -6.50
N SER A 298 -1.59 12.17 -6.17
CA SER A 298 -0.61 12.63 -7.15
C SER A 298 0.77 12.38 -6.61
N VAL A 299 1.54 11.53 -7.28
CA VAL A 299 2.94 11.27 -6.92
C VAL A 299 3.81 11.54 -8.14
N PRO A 300 4.59 12.62 -8.15
CA PRO A 300 5.39 12.96 -9.34
C PRO A 300 6.68 12.17 -9.45
N VAL A 301 6.55 10.87 -9.68
CA VAL A 301 7.67 9.97 -9.87
C VAL A 301 7.47 9.20 -11.16
N LEU A 302 8.50 9.17 -12.00
CA LEU A 302 8.47 8.45 -13.27
C LEU A 302 9.60 7.44 -13.31
N LEU A 303 9.31 6.24 -13.82
CA LEU A 303 10.30 5.17 -13.92
C LEU A 303 10.38 4.69 -15.36
N ALA A 304 11.56 4.76 -15.95
CA ALA A 304 11.78 4.33 -17.33
C ALA A 304 12.58 3.04 -17.31
N HIS A 305 12.04 1.99 -17.95
CA HIS A 305 12.61 0.66 -17.87
C HIS A 305 13.18 0.23 -19.22
N ASN A 306 14.33 -0.43 -19.17
CA ASN A 306 15.04 -0.99 -20.31
C ASN A 306 15.48 -2.40 -19.98
N PRO A 307 15.68 -3.25 -20.98
CA PRO A 307 16.25 -4.58 -20.70
C PRO A 307 17.65 -4.54 -20.09
N HIS A 308 18.37 -3.45 -20.24
CA HIS A 308 19.71 -3.31 -19.67
C HIS A 308 19.84 -2.21 -18.63
N ARG A 309 18.93 -1.23 -18.63
CA ARG A 309 19.03 -0.09 -17.71
C ARG A 309 17.68 0.16 -17.08
N ASP A 310 17.66 1.08 -16.12
CA ASP A 310 16.44 1.52 -15.46
C ASP A 310 16.72 2.84 -14.78
N LEU A 311 15.92 3.86 -15.07
CA LEU A 311 16.17 5.22 -14.60
C LEU A 311 14.91 5.78 -13.94
N GLY A 312 15.12 6.77 -13.07
CA GLY A 312 14.01 7.39 -12.37
C GLY A 312 14.07 8.90 -12.31
N ILE A 313 12.90 9.54 -12.41
CA ILE A 313 12.77 10.99 -12.38
C ILE A 313 11.84 11.36 -11.23
N PHE A 314 12.28 12.29 -10.38
CA PHE A 314 11.48 12.79 -9.28
C PHE A 314 11.33 14.30 -9.44
N TRP A 315 10.10 14.77 -9.53
CA TRP A 315 9.77 16.17 -9.78
C TRP A 315 9.19 16.75 -8.50
N LEU A 316 10.07 17.27 -7.64
CA LEU A 316 9.66 17.78 -6.34
C LEU A 316 9.02 19.16 -6.51
N ASN A 317 7.71 19.17 -6.66
CA ASN A 317 6.94 20.42 -6.73
C ASN A 317 5.51 20.14 -6.32
N ALA A 318 4.92 21.05 -5.55
CA ALA A 318 3.61 20.86 -4.95
C ALA A 318 2.47 21.52 -5.72
N ALA A 319 2.76 22.17 -6.83
CA ALA A 319 1.73 22.88 -7.58
C ALA A 319 1.04 21.93 -8.55
N GLU A 320 0.07 22.47 -9.31
CA GLU A 320 -0.60 21.71 -10.35
C GLU A 320 0.41 21.31 -11.42
N THR A 321 0.39 20.05 -11.82
CA THR A 321 1.39 19.53 -12.74
C THR A 321 0.73 18.93 -13.98
N TRP A 322 1.29 19.22 -15.14
CA TRP A 322 0.93 18.56 -16.39
C TRP A 322 2.17 17.92 -16.97
N VAL A 323 2.07 16.64 -17.33
CA VAL A 323 3.20 15.89 -17.86
C VAL A 323 2.82 15.32 -19.22
N ASP A 324 3.72 15.52 -20.19
CA ASP A 324 3.56 15.06 -21.56
C ASP A 324 4.53 13.91 -21.85
N ILE A 325 4.03 12.88 -22.53
CA ILE A 325 4.82 11.74 -22.95
C ILE A 325 4.86 11.71 -24.47
N SER A 326 6.06 11.57 -25.03
CA SER A 326 6.25 11.54 -26.47
C SER A 326 7.26 10.46 -26.84
N SER A 327 7.32 10.16 -28.13
CA SER A 327 8.24 9.15 -28.66
C SER A 327 8.99 9.75 -29.85
N ASN A 328 10.30 9.51 -29.91
CA ASN A 328 11.13 10.01 -30.99
C ASN A 328 12.35 9.13 -31.20
N GLY A 346 21.52 14.25 -30.41
CA GLY A 346 20.42 13.88 -29.54
C GLY A 346 19.07 14.15 -30.15
N GLU A 347 18.94 13.90 -31.46
CA GLU A 347 17.70 14.13 -32.17
C GLU A 347 16.83 12.88 -32.27
N THR A 348 17.27 11.75 -31.72
CA THR A 348 16.48 10.52 -31.70
C THR A 348 16.40 9.93 -30.29
N PRO A 349 15.73 10.62 -29.35
CA PRO A 349 15.44 9.98 -28.07
C PRO A 349 14.11 9.24 -28.12
N GLN A 350 14.12 7.92 -27.91
CA GLN A 350 12.94 7.12 -28.18
C GLN A 350 11.82 7.32 -27.16
N THR A 351 12.02 8.16 -26.14
CA THR A 351 10.94 8.54 -25.23
C THR A 351 11.28 9.87 -24.60
N ASP A 352 10.37 10.83 -24.70
CA ASP A 352 10.56 12.16 -24.13
C ASP A 352 9.48 12.43 -23.09
N VAL A 353 9.87 13.08 -22.00
CA VAL A 353 8.94 13.45 -20.94
C VAL A 353 9.04 14.95 -20.74
N ARG A 354 7.91 15.58 -20.44
CA ARG A 354 7.88 17.03 -20.24
C ARG A 354 7.04 17.34 -19.00
N TRP A 355 7.60 18.13 -18.09
CA TRP A 355 6.93 18.54 -16.87
C TRP A 355 6.62 20.03 -16.95
N MET A 356 5.40 20.41 -16.55
CA MET A 356 4.98 21.80 -16.50
C MET A 356 4.23 22.02 -15.20
N SER A 357 4.67 23.01 -14.42
CA SER A 357 4.06 23.31 -13.13
C SER A 357 3.69 24.79 -13.07
N GLU A 358 2.67 25.08 -12.27
CA GLU A 358 2.12 26.43 -12.20
C GLU A 358 3.10 27.40 -11.54
N THR A 359 3.83 26.95 -10.53
CA THR A 359 4.67 27.84 -9.74
C THR A 359 5.79 27.03 -9.08
N GLY A 360 6.61 27.72 -8.31
CA GLY A 360 7.71 27.10 -7.60
C GLY A 360 9.03 27.24 -8.34
N ILE A 361 10.01 26.49 -7.85
CA ILE A 361 11.32 26.42 -8.46
C ILE A 361 11.47 25.07 -9.15
N ILE A 362 12.55 24.91 -9.90
CA ILE A 362 12.87 23.62 -10.50
C ILE A 362 13.70 22.83 -9.50
N ASP A 363 13.18 21.68 -9.08
CA ASP A 363 13.86 20.80 -8.13
C ASP A 363 13.69 19.39 -8.64
N VAL A 364 14.72 18.83 -9.28
CA VAL A 364 14.61 17.56 -9.96
C VAL A 364 15.65 16.60 -9.39
N PHE A 365 15.19 15.40 -9.04
CA PHE A 365 16.05 14.30 -8.62
C PHE A 365 16.14 13.28 -9.74
N LEU A 366 17.36 12.91 -10.11
CA LEU A 366 17.61 11.88 -11.11
C LEU A 366 18.23 10.66 -10.44
N LEU A 367 17.58 9.51 -10.62
CA LEU A 367 18.01 8.23 -10.07
C LEU A 367 18.59 7.41 -11.20
N LEU A 368 19.87 7.05 -11.08
CA LEU A 368 20.66 6.51 -12.18
C LEU A 368 20.72 4.99 -12.19
N GLY A 369 19.90 4.32 -11.38
CA GLY A 369 19.85 2.88 -11.38
C GLY A 369 21.07 2.24 -10.78
N PRO A 370 21.65 1.26 -11.48
CA PRO A 370 21.27 0.76 -12.81
C PRO A 370 20.22 -0.34 -12.78
N SER A 371 19.60 -0.61 -11.63
CA SER A 371 18.62 -1.67 -11.50
C SER A 371 17.31 -1.13 -10.93
N ILE A 372 16.25 -1.92 -11.11
CA ILE A 372 14.93 -1.53 -10.60
C ILE A 372 14.92 -1.54 -9.07
N SER A 373 15.55 -2.55 -8.46
CA SER A 373 15.72 -2.53 -7.02
C SER A 373 16.60 -1.38 -6.57
N ASP A 374 17.57 -0.99 -7.41
CA ASP A 374 18.43 0.14 -7.07
C ASP A 374 17.66 1.45 -7.04
N VAL A 375 16.80 1.70 -8.04
CA VAL A 375 16.01 2.93 -8.01
C VAL A 375 14.96 2.86 -6.91
N PHE A 376 14.44 1.67 -6.60
CA PHE A 376 13.54 1.52 -5.46
C PHE A 376 14.22 1.93 -4.16
N ARG A 377 15.45 1.43 -3.94
CA ARG A 377 16.19 1.79 -2.73
C ARG A 377 16.58 3.26 -2.72
N GLN A 378 16.89 3.83 -3.88
CA GLN A 378 17.23 5.25 -3.95
C GLN A 378 16.03 6.12 -3.57
N TYR A 379 14.84 5.78 -4.10
CA TYR A 379 13.66 6.55 -3.75
C TYR A 379 13.28 6.34 -2.29
N ALA A 380 13.51 5.13 -1.77
CA ALA A 380 13.25 4.88 -0.35
C ALA A 380 14.19 5.72 0.54
N SER A 381 15.46 5.83 0.13
CA SER A 381 16.39 6.68 0.87
C SER A 381 16.03 8.15 0.75
N LEU A 382 15.44 8.54 -0.39
CA LEU A 382 15.07 9.94 -0.58
C LEU A 382 13.86 10.31 0.27
N THR A 383 12.73 9.62 0.08
CA THR A 383 11.48 10.01 0.71
C THR A 383 10.96 8.95 1.69
N GLY A 384 11.85 8.27 2.39
CA GLY A 384 11.44 7.33 3.41
C GLY A 384 10.89 6.02 2.88
N THR A 385 10.55 5.11 3.78
CA THR A 385 9.99 3.81 3.43
C THR A 385 8.58 3.69 3.98
N GLN A 386 7.90 2.62 3.56
CA GLN A 386 6.56 2.34 4.04
C GLN A 386 6.57 2.00 5.53
N ALA A 387 5.65 2.59 6.28
CA ALA A 387 5.53 2.28 7.70
C ALA A 387 4.98 0.88 7.89
N LEU A 388 5.50 0.18 8.89
CA LEU A 388 5.06 -1.17 9.17
C LEU A 388 3.66 -1.14 9.79
N PRO A 389 2.66 -1.74 9.18
CA PRO A 389 1.30 -1.68 9.72
C PRO A 389 1.11 -2.70 10.82
N PRO A 390 0.14 -2.49 11.70
CA PRO A 390 -0.23 -3.53 12.67
C PRO A 390 -0.87 -4.73 11.97
N LEU A 391 -0.83 -5.86 12.67
CA LEU A 391 -1.22 -7.13 12.04
C LEU A 391 -2.72 -7.18 11.76
N PHE A 392 -3.54 -6.55 12.61
CA PHE A 392 -4.99 -6.65 12.43
C PHE A 392 -5.46 -5.95 11.17
N SER A 393 -4.73 -4.93 10.70
CA SER A 393 -5.11 -4.22 9.49
C SER A 393 -4.94 -5.05 8.23
N LEU A 394 -4.28 -6.21 8.32
CA LEU A 394 -4.04 -7.06 7.16
C LEU A 394 -5.19 -8.02 6.87
N GLY A 395 -6.23 -8.02 7.69
CA GLY A 395 -7.35 -8.92 7.52
C GLY A 395 -8.46 -8.33 6.67
N TYR A 396 -9.66 -8.86 6.88
CA TYR A 396 -10.85 -8.44 6.14
C TYR A 396 -11.55 -7.32 6.91
N HIS A 397 -11.77 -6.20 6.26
CA HIS A 397 -12.44 -5.05 6.84
C HIS A 397 -13.86 -4.97 6.32
N GLN A 398 -14.82 -4.78 7.21
CA GLN A 398 -16.24 -4.69 6.87
C GLN A 398 -16.70 -3.26 7.08
N SER A 399 -17.26 -2.65 6.03
CA SER A 399 -17.76 -1.29 6.10
C SER A 399 -19.12 -1.20 5.40
N ARG A 400 -19.94 -0.27 5.86
CA ARG A 400 -21.25 -0.02 5.28
C ARG A 400 -21.70 1.35 5.71
N TRP A 401 -22.23 2.13 4.75
CA TRP A 401 -22.62 3.51 5.04
C TRP A 401 -23.76 3.56 6.05
N ASN A 402 -24.77 2.71 5.88
CA ASN A 402 -25.98 2.79 6.70
C ASN A 402 -25.87 1.83 7.90
N TYR A 403 -24.94 2.17 8.79
CA TYR A 403 -24.87 1.56 10.12
C TYR A 403 -25.59 2.52 11.07
N ARG A 404 -26.91 2.33 11.18
CA ARG A 404 -27.75 3.32 11.84
C ARG A 404 -27.58 3.29 13.35
N ASP A 405 -27.85 2.16 13.98
CA ASP A 405 -27.79 2.04 15.43
C ASP A 405 -26.53 1.29 15.85
N GLU A 406 -26.21 1.39 17.14
CA GLU A 406 -25.13 0.59 17.69
C GLU A 406 -25.49 -0.89 17.77
N ALA A 407 -26.79 -1.21 17.72
CA ALA A 407 -27.21 -2.61 17.66
C ALA A 407 -26.93 -3.22 16.29
N ASP A 408 -26.81 -2.37 15.27
CA ASP A 408 -26.45 -2.87 13.94
C ASP A 408 -25.03 -3.42 13.94
N VAL A 409 -24.12 -2.78 14.67
CA VAL A 409 -22.76 -3.30 14.80
C VAL A 409 -22.77 -4.66 15.50
N LEU A 410 -23.61 -4.80 16.54
CA LEU A 410 -23.75 -6.08 17.21
C LEU A 410 -24.32 -7.15 16.28
N GLU A 411 -25.30 -6.77 15.45
CA GLU A 411 -25.85 -7.71 14.48
C GLU A 411 -24.79 -8.15 13.48
N VAL A 412 -23.98 -7.22 12.99
CA VAL A 412 -22.92 -7.56 12.05
C VAL A 412 -21.88 -8.48 12.70
N ASP A 413 -21.50 -8.17 13.94
CA ASP A 413 -20.52 -9.01 14.63
C ASP A 413 -21.07 -10.41 14.90
N GLN A 414 -22.34 -10.51 15.29
CA GLN A 414 -22.93 -11.81 15.54
C GLN A 414 -23.14 -12.60 14.24
N GLY A 415 -23.40 -11.90 13.13
CA GLY A 415 -23.43 -12.58 11.84
C GLY A 415 -22.07 -13.10 11.44
N PHE A 416 -21.02 -12.33 11.72
CA PHE A 416 -19.66 -12.79 11.43
C PHE A 416 -19.29 -13.99 12.28
N ASP A 417 -19.66 -13.98 13.56
CA ASP A 417 -19.31 -15.07 14.48
C ASP A 417 -20.34 -16.19 14.49
N ASP A 418 -21.41 -16.08 13.70
CA ASP A 418 -22.44 -17.11 13.63
C ASP A 418 -22.36 -17.94 12.36
N HIS A 419 -21.96 -17.33 11.24
CA HIS A 419 -21.79 -18.04 9.98
C HIS A 419 -20.33 -18.43 9.74
N ASN A 420 -19.48 -18.33 10.77
CA ASN A 420 -18.08 -18.74 10.71
C ASN A 420 -17.31 -17.97 9.64
N LEU A 421 -17.48 -16.64 9.64
CA LEU A 421 -16.80 -15.78 8.69
C LEU A 421 -15.75 -14.94 9.40
N PRO A 422 -14.48 -15.04 9.01
CA PRO A 422 -13.45 -14.23 9.67
C PRO A 422 -13.64 -12.74 9.39
N CYS A 423 -13.35 -11.93 10.40
CA CYS A 423 -13.40 -10.48 10.27
C CYS A 423 -12.56 -9.86 11.37
N ASP A 424 -12.00 -8.69 11.10
CA ASP A 424 -11.13 -8.00 12.04
C ASP A 424 -11.68 -6.63 12.44
N VAL A 425 -12.05 -5.79 11.48
CA VAL A 425 -12.39 -4.40 11.74
C VAL A 425 -13.77 -4.10 11.19
N ILE A 426 -14.58 -3.41 11.99
CA ILE A 426 -15.86 -2.88 11.57
C ILE A 426 -15.73 -1.37 11.46
N TRP A 427 -16.30 -0.79 10.41
CA TRP A 427 -16.09 0.61 10.07
C TRP A 427 -17.39 1.38 10.21
N LEU A 428 -17.28 2.67 10.53
CA LEU A 428 -18.42 3.57 10.64
C LEU A 428 -18.24 4.77 9.70
N ASP A 429 -19.32 5.15 9.03
CA ASP A 429 -19.31 6.27 8.12
C ASP A 429 -19.70 7.54 8.88
N ILE A 430 -20.03 8.62 8.15
CA ILE A 430 -20.30 9.92 8.75
C ILE A 430 -21.55 9.91 9.63
N GLU A 431 -22.31 8.82 9.64
CA GLU A 431 -23.55 8.79 10.42
C GLU A 431 -23.27 8.77 11.92
N HIS A 432 -22.08 8.32 12.33
CA HIS A 432 -21.82 8.17 13.76
C HIS A 432 -21.65 9.51 14.44
N ALA A 433 -21.14 10.51 13.71
CA ALA A 433 -20.93 11.83 14.29
C ALA A 433 -22.26 12.51 14.57
N ASP A 434 -22.25 13.40 15.57
CA ASP A 434 -23.46 14.11 15.98
C ASP A 434 -23.71 15.23 14.98
N GLY A 435 -24.33 14.91 13.85
CA GLY A 435 -24.57 15.91 12.83
C GLY A 435 -23.30 16.47 12.23
N LYS A 436 -22.37 15.59 11.84
CA LYS A 436 -21.07 15.91 11.25
C LYS A 436 -20.10 16.53 12.26
N ARG A 437 -20.50 16.64 13.53
CA ARG A 437 -19.62 17.13 14.59
C ARG A 437 -18.73 15.98 15.03
N TYR A 438 -17.44 16.09 14.73
CA TYR A 438 -16.50 15.02 15.02
C TYR A 438 -15.99 15.11 16.45
N PHE A 439 -15.16 14.14 16.84
CA PHE A 439 -14.60 14.02 18.19
C PHE A 439 -15.67 13.87 19.26
N THR A 440 -16.88 13.44 18.89
CA THR A 440 -17.96 13.28 19.84
C THR A 440 -18.98 12.30 19.27
N TRP A 441 -19.86 11.82 20.14
CA TRP A 441 -20.90 10.86 19.78
C TRP A 441 -22.25 11.43 20.19
N ASP A 442 -23.22 11.38 19.29
CA ASP A 442 -24.57 11.80 19.63
C ASP A 442 -25.18 10.81 20.63
N PRO A 443 -25.70 11.28 21.76
CA PRO A 443 -26.29 10.34 22.73
C PRO A 443 -27.44 9.52 22.17
N SER A 444 -28.26 10.10 21.29
CA SER A 444 -29.33 9.34 20.68
C SER A 444 -28.81 8.36 19.64
N ARG A 445 -27.76 8.73 18.90
CA ARG A 445 -27.18 7.86 17.89
C ARG A 445 -26.60 6.61 18.54
N PHE A 446 -25.54 6.79 19.31
CA PHE A 446 -24.91 5.71 20.08
C PHE A 446 -24.98 6.08 21.56
N PRO A 447 -25.71 5.33 22.38
CA PRO A 447 -25.84 5.69 23.80
C PRO A 447 -24.50 5.69 24.54
N GLN A 448 -23.79 4.57 24.54
CA GLN A 448 -22.50 4.44 25.22
C GLN A 448 -21.48 3.90 24.25
N PRO A 449 -20.58 4.73 23.73
CA PRO A 449 -19.60 4.25 22.74
C PRO A 449 -18.46 3.46 23.37
N ARG A 450 -18.02 3.87 24.56
CA ARG A 450 -16.90 3.17 25.21
C ARG A 450 -17.31 1.75 25.61
N THR A 451 -18.52 1.58 26.11
CA THR A 451 -18.99 0.24 26.48
C THR A 451 -19.14 -0.64 25.25
N MET A 452 -19.61 -0.06 24.14
CA MET A 452 -19.71 -0.82 22.90
C MET A 452 -18.32 -1.22 22.40
N LEU A 453 -17.34 -0.33 22.52
CA LEU A 453 -15.97 -0.66 22.14
C LEU A 453 -15.42 -1.78 23.02
N GLU A 454 -15.72 -1.75 24.32
CA GLU A 454 -15.30 -2.84 25.20
C GLU A 454 -15.96 -4.16 24.80
N ARG A 455 -17.24 -4.12 24.44
CA ARG A 455 -17.93 -5.33 24.01
C ARG A 455 -17.31 -5.87 22.73
N LEU A 456 -16.96 -4.99 21.79
CA LEU A 456 -16.30 -5.43 20.56
C LEU A 456 -14.92 -6.01 20.83
N ALA A 457 -14.16 -5.38 21.74
CA ALA A 457 -12.85 -5.89 22.11
C ALA A 457 -12.94 -7.21 22.86
N SER A 458 -14.08 -7.49 23.49
CA SER A 458 -14.28 -8.80 24.11
C SER A 458 -14.23 -9.92 23.07
N LYS A 459 -14.61 -9.61 21.83
CA LYS A 459 -14.46 -10.53 20.72
C LYS A 459 -13.19 -10.29 19.92
N ARG A 460 -12.30 -9.41 20.42
CA ARG A 460 -11.01 -9.11 19.79
C ARG A 460 -11.18 -8.55 18.39
N ARG A 461 -11.95 -7.47 18.28
CA ARG A 461 -12.16 -6.78 17.02
C ARG A 461 -11.99 -5.28 17.23
N LYS A 462 -11.78 -4.56 16.13
CA LYS A 462 -11.53 -3.13 16.16
C LYS A 462 -12.64 -2.37 15.44
N LEU A 463 -12.81 -1.12 15.84
CA LEU A 463 -13.75 -0.20 15.22
C LEU A 463 -12.97 1.00 14.66
N VAL A 464 -13.45 1.56 13.55
CA VAL A 464 -12.79 2.67 12.88
C VAL A 464 -13.83 3.71 12.51
N ALA A 465 -13.55 4.97 12.85
CA ALA A 465 -14.45 6.08 12.60
C ALA A 465 -13.82 7.06 11.62
N ILE A 466 -14.67 7.82 10.94
CA ILE A 466 -14.22 8.80 9.95
C ILE A 466 -14.02 10.15 10.64
N VAL A 467 -12.96 10.84 10.24
CA VAL A 467 -12.66 12.19 10.72
C VAL A 467 -12.22 13.01 9.52
N ASP A 468 -13.07 13.96 9.09
CA ASP A 468 -12.78 14.80 7.94
C ASP A 468 -12.01 16.04 8.37
N PRO A 469 -11.21 16.64 7.47
CA PRO A 469 -10.46 17.85 7.83
C PRO A 469 -11.29 19.12 7.75
N HIS A 470 -12.62 18.98 7.67
CA HIS A 470 -13.53 20.12 7.68
C HIS A 470 -14.51 19.97 8.83
N ILE A 471 -14.77 21.08 9.53
CA ILE A 471 -15.54 21.07 10.77
C ILE A 471 -16.70 22.06 10.67
N LYS A 472 -17.73 21.80 11.46
CA LYS A 472 -18.91 22.65 11.50
C LYS A 472 -18.60 23.97 12.18
N VAL A 473 -19.20 25.05 11.68
CA VAL A 473 -19.07 26.38 12.27
C VAL A 473 -20.21 26.52 13.28
N ASP A 474 -19.90 26.27 14.55
CA ASP A 474 -20.89 26.34 15.61
C ASP A 474 -20.29 27.03 16.83
N SER A 475 -21.17 27.64 17.64
CA SER A 475 -20.75 28.30 18.87
C SER A 475 -20.73 27.36 20.07
N GLY A 476 -21.25 26.14 19.92
CA GLY A 476 -21.22 25.16 20.98
C GLY A 476 -20.19 24.07 20.71
N TYR A 477 -19.95 23.80 19.44
CA TYR A 477 -18.92 22.88 19.01
C TYR A 477 -17.57 23.55 19.23
N ARG A 478 -16.92 23.23 20.36
CA ARG A 478 -15.77 24.00 20.81
C ARG A 478 -14.54 23.85 19.93
N VAL A 479 -14.53 22.90 18.99
CA VAL A 479 -13.40 22.79 18.07
C VAL A 479 -13.26 24.07 17.25
N HIS A 480 -14.38 24.58 16.73
CA HIS A 480 -14.36 25.81 15.94
C HIS A 480 -13.90 26.99 16.76
N GLU A 481 -14.42 27.12 18.00
CA GLU A 481 -14.04 28.26 18.83
C GLU A 481 -12.57 28.20 19.24
N GLU A 482 -12.08 27.02 19.60
CA GLU A 482 -10.67 26.89 19.98
C GLU A 482 -9.75 27.16 18.81
N LEU A 483 -10.13 26.69 17.62
CA LEU A 483 -9.30 26.95 16.43
C LEU A 483 -9.39 28.40 16.00
N ARG A 484 -10.53 29.06 16.25
CA ARG A 484 -10.69 30.46 15.88
C ARG A 484 -9.89 31.37 16.80
N ASN A 485 -9.93 31.11 18.11
CA ASN A 485 -9.21 31.96 19.05
C ASN A 485 -7.70 31.86 18.83
N LEU A 486 -7.19 30.65 18.57
CA LEU A 486 -5.79 30.49 18.26
C LEU A 486 -5.42 31.09 16.91
N GLY A 487 -6.33 31.03 15.93
CA GLY A 487 -6.10 31.61 14.63
C GLY A 487 -5.58 30.66 13.57
N LEU A 488 -5.81 29.36 13.73
CA LEU A 488 -5.29 28.35 12.82
C LEU A 488 -6.37 28.00 11.80
N TYR A 489 -6.60 28.90 10.84
CA TYR A 489 -7.50 28.65 9.71
C TYR A 489 -6.80 29.02 8.42
N VAL A 490 -7.36 28.54 7.31
CA VAL A 490 -6.98 28.98 5.98
C VAL A 490 -7.69 30.31 5.70
N LYS A 491 -6.92 31.34 5.37
CA LYS A 491 -7.48 32.66 5.12
C LYS A 491 -7.87 32.81 3.66
N THR A 492 -8.94 33.56 3.42
CA THR A 492 -9.48 33.76 2.09
C THR A 492 -8.82 34.99 1.44
N ARG A 493 -9.40 35.47 0.35
CA ARG A 493 -8.73 36.47 -0.49
C ARG A 493 -8.49 37.78 0.26
N ASP A 494 -9.46 38.23 1.04
CA ASP A 494 -9.37 39.53 1.69
C ASP A 494 -8.90 39.46 3.14
N GLY A 495 -8.46 38.29 3.61
CA GLY A 495 -7.99 38.14 4.97
C GLY A 495 -8.99 37.56 5.94
N SER A 496 -10.21 37.27 5.49
CA SER A 496 -11.24 36.70 6.34
C SER A 496 -11.01 35.19 6.46
N ASP A 497 -11.99 34.49 7.03
CA ASP A 497 -11.90 33.06 7.27
C ASP A 497 -12.65 32.30 6.18
N TYR A 498 -11.96 31.37 5.53
CA TYR A 498 -12.57 30.57 4.47
C TYR A 498 -13.63 29.65 5.07
N GLU A 499 -14.88 29.88 4.69
CA GLU A 499 -16.02 29.21 5.30
C GLU A 499 -16.93 28.60 4.22
N GLY A 500 -16.33 27.86 3.30
CA GLY A 500 -17.11 27.10 2.33
C GLY A 500 -18.03 26.11 3.02
N TRP A 501 -19.32 26.17 2.70
CA TRP A 501 -20.34 25.51 3.50
C TRP A 501 -20.53 24.05 3.06
N CYS A 502 -20.47 23.15 4.03
CA CYS A 502 -20.84 21.75 3.86
C CYS A 502 -22.34 21.60 4.04
N TRP A 503 -22.87 20.44 3.66
CA TRP A 503 -24.33 20.26 3.61
C TRP A 503 -25.04 20.56 4.93
N PRO A 504 -24.54 20.20 6.14
CA PRO A 504 -25.18 20.73 7.35
C PRO A 504 -24.60 22.09 7.74
N GLY A 505 -25.43 23.13 7.67
CA GLY A 505 -24.99 24.47 8.03
C GLY A 505 -23.87 25.00 7.16
N SER A 506 -22.69 25.16 7.74
CA SER A 506 -21.51 25.65 7.03
C SER A 506 -20.33 24.77 7.42
N ALA A 507 -19.13 25.17 6.99
CA ALA A 507 -17.93 24.41 7.30
C ALA A 507 -16.72 25.32 7.23
N GLY A 508 -15.75 25.05 8.10
CA GLY A 508 -14.49 25.78 8.11
C GLY A 508 -13.33 24.86 7.82
N TYR A 509 -12.24 25.43 7.30
CA TYR A 509 -11.08 24.66 6.90
C TYR A 509 -9.85 25.15 7.65
N PRO A 510 -9.24 24.34 8.51
CA PRO A 510 -8.01 24.74 9.20
C PRO A 510 -6.78 24.61 8.31
N ASP A 511 -5.75 25.37 8.67
CA ASP A 511 -4.52 25.43 7.90
C ASP A 511 -3.57 24.36 8.41
N PHE A 512 -3.60 23.18 7.77
CA PHE A 512 -2.74 22.07 8.17
C PHE A 512 -1.27 22.30 7.83
N THR A 513 -0.95 23.32 7.03
CA THR A 513 0.44 23.66 6.78
C THR A 513 1.12 24.19 8.04
N ASN A 514 0.36 24.83 8.92
CA ASN A 514 0.92 25.36 10.16
C ASN A 514 1.32 24.21 11.08
N PRO A 515 2.58 24.13 11.52
CA PRO A 515 2.97 23.07 12.46
C PRO A 515 2.23 23.12 13.78
N THR A 516 1.87 24.32 14.26
CA THR A 516 1.10 24.43 15.49
C THR A 516 -0.29 23.82 15.33
N MET A 517 -0.90 24.00 14.16
CA MET A 517 -2.18 23.36 13.88
C MET A 517 -2.06 21.84 13.89
N ARG A 518 -0.96 21.32 13.32
CA ARG A 518 -0.73 19.88 13.36
C ARG A 518 -0.53 19.38 14.79
N ALA A 519 0.18 20.14 15.62
CA ALA A 519 0.37 19.75 17.01
C ALA A 519 -0.96 19.74 17.77
N TRP A 520 -1.80 20.76 17.54
CA TRP A 520 -3.11 20.80 18.18
C TRP A 520 -3.98 19.63 17.71
N TRP A 521 -3.95 19.33 16.41
CA TRP A 521 -4.72 18.21 15.87
C TRP A 521 -4.25 16.88 16.46
N ALA A 522 -2.94 16.72 16.62
CA ALA A 522 -2.41 15.49 17.22
C ALA A 522 -2.81 15.39 18.69
N ASN A 523 -2.74 16.50 19.43
CA ASN A 523 -3.10 16.47 20.84
C ASN A 523 -4.60 16.26 21.05
N MET A 524 -5.43 16.59 20.06
CA MET A 524 -6.87 16.40 20.20
C MET A 524 -7.29 14.92 20.17
N PHE A 525 -6.40 14.01 19.79
CA PHE A 525 -6.73 12.59 19.74
C PHE A 525 -6.48 11.86 21.06
N SER A 526 -6.36 12.59 22.17
CA SER A 526 -6.13 11.95 23.45
C SER A 526 -7.40 11.23 23.92
N TYR A 527 -7.20 10.27 24.83
CA TYR A 527 -8.34 9.55 25.40
C TYR A 527 -9.23 10.48 26.23
N ASP A 528 -8.63 11.44 26.92
CA ASP A 528 -9.42 12.41 27.69
C ASP A 528 -10.16 13.37 26.75
N ASN A 529 -9.53 13.74 25.65
CA ASN A 529 -10.14 14.68 24.70
C ASN A 529 -11.22 13.98 23.87
N TYR A 530 -10.84 12.91 23.19
CA TYR A 530 -11.81 12.16 22.40
C TYR A 530 -12.67 11.32 23.33
N GLU A 531 -13.96 11.66 23.41
CA GLU A 531 -14.87 10.97 24.31
C GLU A 531 -15.27 9.62 23.74
N GLY A 532 -15.38 8.64 24.63
CA GLY A 532 -15.63 7.27 24.19
C GLY A 532 -14.50 6.68 23.38
N SER A 533 -13.26 6.87 23.84
CA SER A 533 -12.08 6.41 23.12
C SER A 533 -11.54 5.14 23.78
N ALA A 534 -11.23 4.15 22.97
CA ALA A 534 -10.68 2.88 23.39
C ALA A 534 -9.45 2.55 22.54
N PRO A 535 -8.53 1.74 23.06
CA PRO A 535 -7.36 1.36 22.26
C PRO A 535 -7.72 0.60 20.99
N ASN A 536 -8.89 -0.04 20.92
CA ASN A 536 -9.33 -0.77 19.75
C ASN A 536 -10.17 0.09 18.81
N LEU A 537 -9.98 1.41 18.84
CA LEU A 537 -10.70 2.33 17.97
C LEU A 537 -9.69 3.19 17.21
N PHE A 538 -9.89 3.30 15.90
CA PHE A 538 -8.97 4.00 15.02
C PHE A 538 -9.75 4.98 14.15
N VAL A 539 -8.99 5.75 13.35
CA VAL A 539 -9.53 6.87 12.58
C VAL A 539 -9.06 6.73 11.13
N TRP A 540 -9.98 6.86 10.19
CA TRP A 540 -9.63 6.97 8.78
C TRP A 540 -10.08 8.32 8.23
N ASN A 541 -9.22 8.93 7.42
CA ASN A 541 -9.44 10.27 6.90
C ASN A 541 -10.07 10.20 5.51
N ASP A 542 -11.03 11.07 5.26
CA ASP A 542 -11.66 11.20 3.95
C ASP A 542 -11.82 12.67 3.61
N MET A 543 -11.88 12.95 2.30
CA MET A 543 -12.03 14.29 1.77
C MET A 543 -10.91 15.22 2.25
N ASN A 544 -9.68 14.69 2.27
CA ASN A 544 -8.51 15.45 2.69
C ASN A 544 -7.77 16.07 1.51
N GLU A 545 -8.45 16.24 0.37
CA GLU A 545 -7.83 16.87 -0.79
C GLU A 545 -7.37 18.31 -0.55
N PRO A 546 -8.18 19.23 0.06
CA PRO A 546 -9.55 19.11 0.59
C PRO A 546 -10.64 19.21 -0.47
N SER A 547 -11.84 18.74 -0.17
CA SER A 547 -12.96 18.77 -1.11
C SER A 547 -13.96 19.81 -0.63
N VAL A 548 -14.04 20.93 -1.34
CA VAL A 548 -15.00 21.98 -1.04
C VAL A 548 -16.25 21.75 -1.89
N PHE A 549 -17.41 21.75 -1.24
CA PHE A 549 -18.66 21.49 -1.95
C PHE A 549 -18.96 22.57 -2.99
N ASN A 550 -18.73 23.83 -2.64
CA ASN A 550 -18.96 24.96 -3.54
C ASN A 550 -17.64 25.72 -3.69
N GLY A 551 -16.92 25.44 -4.78
CA GLY A 551 -15.68 26.08 -5.07
C GLY A 551 -15.20 25.76 -6.47
N PRO A 552 -14.04 26.29 -6.86
CA PRO A 552 -13.46 25.94 -8.16
C PRO A 552 -13.18 24.44 -8.23
N GLU A 553 -13.69 23.81 -9.29
CA GLU A 553 -13.75 22.35 -9.42
C GLU A 553 -14.47 21.83 -8.19
N VAL A 554 -13.87 20.96 -7.37
CA VAL A 554 -14.48 20.53 -6.12
C VAL A 554 -13.42 20.79 -5.04
N THR A 555 -12.56 21.79 -5.28
CA THR A 555 -11.45 22.06 -4.39
C THR A 555 -11.44 23.54 -4.00
N MET A 556 -10.46 23.89 -3.16
CA MET A 556 -10.34 25.24 -2.62
C MET A 556 -9.84 26.22 -3.69
N LEU A 557 -10.16 27.49 -3.49
CA LEU A 557 -9.66 28.55 -4.36
C LEU A 557 -8.14 28.66 -4.25
N LYS A 558 -7.50 29.00 -5.37
CA LYS A 558 -6.05 29.06 -5.42
C LYS A 558 -5.47 30.31 -4.78
N ASP A 559 -6.29 31.32 -4.50
CA ASP A 559 -5.79 32.57 -3.93
C ASP A 559 -5.85 32.62 -2.41
N ALA A 560 -6.22 31.50 -1.76
CA ALA A 560 -6.25 31.47 -0.31
C ALA A 560 -4.84 31.57 0.26
N GLN A 561 -4.71 32.33 1.35
CA GLN A 561 -3.41 32.59 1.96
C GLN A 561 -3.21 31.64 3.14
N HIS A 562 -2.20 30.79 3.04
CA HIS A 562 -1.89 29.80 4.06
C HIS A 562 -0.86 30.35 5.04
N TYR A 563 -0.33 29.50 5.90
CA TYR A 563 0.69 29.91 6.87
C TYR A 563 2.00 30.21 6.17
N GLY A 564 2.71 31.22 6.67
CA GLY A 564 3.97 31.62 6.08
C GLY A 564 3.87 32.52 4.88
N GLY A 565 2.70 33.09 4.62
CA GLY A 565 2.52 33.94 3.45
C GLY A 565 2.61 33.22 2.13
N TRP A 566 2.07 32.00 2.05
CA TRP A 566 2.05 31.22 0.83
C TRP A 566 0.62 31.02 0.36
N GLU A 567 0.44 31.08 -0.97
CA GLU A 567 -0.88 30.89 -1.55
C GLU A 567 -1.25 29.40 -1.55
N HIS A 568 -2.54 29.13 -1.73
CA HIS A 568 -3.01 27.74 -1.77
C HIS A 568 -2.50 27.01 -3.00
N ARG A 569 -2.25 27.74 -4.09
CA ARG A 569 -1.68 27.14 -5.29
C ARG A 569 -0.26 26.66 -5.09
N ASP A 570 0.40 27.09 -4.01
CA ASP A 570 1.75 26.63 -3.68
C ASP A 570 1.74 25.32 -2.90
N VAL A 571 0.71 25.09 -2.08
CA VAL A 571 0.69 24.00 -1.11
C VAL A 571 -0.52 23.09 -1.30
N HIS A 572 -1.04 22.99 -2.53
CA HIS A 572 -2.26 22.22 -2.76
C HIS A 572 -2.01 20.72 -2.54
N ASN A 573 -0.88 20.21 -3.01
CA ASN A 573 -0.62 18.78 -3.00
C ASN A 573 -0.02 18.28 -1.69
N ILE A 574 0.23 19.16 -0.72
CA ILE A 574 0.75 18.76 0.58
C ILE A 574 -0.31 18.74 1.66
N TYR A 575 -1.53 19.18 1.33
CA TYR A 575 -2.60 19.22 2.33
C TYR A 575 -2.96 17.81 2.81
N GLY A 576 -3.12 16.87 1.89
CA GLY A 576 -3.43 15.50 2.28
C GLY A 576 -2.30 14.85 3.06
N LEU A 577 -1.06 15.11 2.65
CA LEU A 577 0.09 14.58 3.38
C LEU A 577 0.13 15.13 4.81
N TYR A 578 -0.14 16.43 4.97
CA TYR A 578 -0.14 17.03 6.31
C TYR A 578 -1.26 16.46 7.17
N VAL A 579 -2.45 16.28 6.59
CA VAL A 579 -3.56 15.69 7.34
C VAL A 579 -3.22 14.28 7.77
N HIS A 580 -2.66 13.48 6.86
CA HIS A 580 -2.31 12.10 7.16
C HIS A 580 -1.25 12.02 8.24
N MET A 581 -0.23 12.88 8.14
CA MET A 581 0.83 12.90 9.15
C MET A 581 0.30 13.33 10.51
N ALA A 582 -0.57 14.34 10.55
CA ALA A 582 -1.13 14.79 11.81
C ALA A 582 -1.97 13.71 12.46
N THR A 583 -2.79 13.02 11.67
CA THR A 583 -3.63 11.95 12.24
C THR A 583 -2.77 10.80 12.74
N ALA A 584 -1.73 10.42 11.99
CA ALA A 584 -0.84 9.36 12.44
C ALA A 584 -0.12 9.74 13.72
N ASP A 585 0.38 10.99 13.79
CA ASP A 585 1.06 11.45 15.00
C ASP A 585 0.12 11.45 16.20
N GLY A 586 -1.12 11.90 16.00
CA GLY A 586 -2.07 11.89 17.10
C GLY A 586 -2.40 10.49 17.59
N LEU A 587 -2.63 9.56 16.65
CA LEU A 587 -2.97 8.20 17.05
C LEU A 587 -1.80 7.48 17.70
N ARG A 588 -0.57 7.81 17.30
CA ARG A 588 0.57 7.17 17.96
C ARG A 588 0.91 7.85 19.28
N GLN A 589 0.56 9.13 19.42
CA GLN A 589 0.85 9.85 20.65
C GLN A 589 -0.18 9.56 21.74
N ARG A 590 -1.41 9.20 21.36
CA ARG A 590 -2.44 8.90 22.36
C ARG A 590 -2.06 7.71 23.24
N SER A 591 -1.19 6.82 22.76
CA SER A 591 -0.76 5.65 23.51
C SER A 591 0.62 5.83 24.14
N GLY A 592 1.15 7.05 24.13
CA GLY A 592 2.48 7.28 24.66
C GLY A 592 3.62 6.88 23.75
N GLY A 593 3.36 6.77 22.45
CA GLY A 593 4.40 6.38 21.52
C GLY A 593 4.75 4.92 21.52
N MET A 594 3.85 4.05 22.00
CA MET A 594 4.10 2.61 22.07
C MET A 594 3.38 1.84 20.98
N GLU A 595 2.07 2.05 20.84
CA GLU A 595 1.28 1.29 19.88
C GLU A 595 1.52 1.80 18.46
N ARG A 596 1.27 0.91 17.49
CA ARG A 596 1.44 1.23 16.09
C ARG A 596 0.14 1.77 15.52
N PRO A 597 0.12 2.99 14.99
CA PRO A 597 -1.13 3.54 14.45
C PRO A 597 -1.43 3.00 13.06
N PHE A 598 -2.69 3.15 12.67
CA PHE A 598 -3.16 2.77 11.34
C PHE A 598 -4.11 3.85 10.86
N VAL A 599 -3.64 4.71 9.96
CA VAL A 599 -4.44 5.80 9.40
C VAL A 599 -4.55 5.58 7.90
N LEU A 600 -5.80 5.55 7.42
CA LEU A 600 -6.10 5.31 6.01
C LEU A 600 -6.65 6.59 5.40
N ALA A 601 -5.96 7.12 4.39
CA ALA A 601 -6.28 8.42 3.81
C ALA A 601 -6.43 8.31 2.30
N ARG A 602 -7.28 9.18 1.75
CA ARG A 602 -7.57 9.21 0.31
C ARG A 602 -6.53 10.00 -0.48
N ALA A 603 -6.35 11.28 -0.17
CA ALA A 603 -5.37 12.11 -0.86
C ALA A 603 -4.01 11.97 -0.21
N PHE A 604 -2.96 12.14 -1.02
CA PHE A 604 -1.61 11.89 -0.55
C PHE A 604 -0.63 12.61 -1.47
N PHE A 605 0.65 12.35 -1.27
CA PHE A 605 1.74 12.91 -2.07
C PHE A 605 2.94 11.99 -1.91
N ALA A 606 4.08 12.40 -2.45
CA ALA A 606 5.31 11.64 -2.26
C ALA A 606 5.74 11.70 -0.80
N GLY A 607 5.95 10.52 -0.19
CA GLY A 607 6.31 10.43 1.20
C GLY A 607 5.16 10.12 2.14
N SER A 608 3.96 9.90 1.62
CA SER A 608 2.83 9.56 2.48
C SER A 608 2.87 8.13 2.98
N GLN A 609 3.66 7.26 2.33
CA GLN A 609 3.74 5.86 2.72
C GLN A 609 4.29 5.67 4.13
N ARG A 610 4.95 6.69 4.68
CA ARG A 610 5.46 6.64 6.04
C ARG A 610 4.38 6.86 7.08
N PHE A 611 3.18 7.28 6.67
CA PHE A 611 2.12 7.62 7.61
C PHE A 611 0.92 6.67 7.57
N GLY A 612 0.91 5.71 6.65
CA GLY A 612 -0.21 4.78 6.58
C GLY A 612 -0.49 4.21 5.21
N ALA A 613 -1.76 4.17 4.83
CA ALA A 613 -2.22 3.52 3.61
C ALA A 613 -3.19 4.40 2.85
N VAL A 614 -3.50 3.98 1.63
CA VAL A 614 -4.40 4.70 0.73
C VAL A 614 -5.31 3.71 0.02
N TRP A 615 -6.33 4.23 -0.68
CA TRP A 615 -7.18 3.39 -1.51
C TRP A 615 -7.52 4.17 -2.77
N THR A 616 -8.11 3.48 -3.74
CA THR A 616 -8.38 4.07 -5.06
C THR A 616 -9.80 4.66 -5.13
N GLY A 617 -10.09 5.54 -4.17
CA GLY A 617 -11.31 6.32 -4.18
C GLY A 617 -12.57 5.50 -4.14
N ASP A 618 -13.59 5.96 -4.85
CA ASP A 618 -14.91 5.33 -4.92
C ASP A 618 -15.13 4.85 -6.35
N ASN A 619 -15.02 3.54 -6.56
CA ASN A 619 -15.20 2.93 -7.86
C ASN A 619 -16.54 2.21 -7.93
N THR A 620 -17.20 2.31 -9.09
CA THR A 620 -18.47 1.63 -9.28
C THR A 620 -18.24 0.14 -9.51
N ALA A 621 -19.33 -0.63 -9.41
CA ALA A 621 -19.27 -2.08 -9.52
C ALA A 621 -19.46 -2.49 -10.97
N GLU A 622 -18.35 -2.54 -11.70
CA GLU A 622 -18.32 -2.99 -13.08
C GLU A 622 -17.12 -3.90 -13.29
N TRP A 623 -17.22 -4.76 -14.32
CA TRP A 623 -16.11 -5.65 -14.65
C TRP A 623 -14.90 -4.87 -15.15
N ASP A 624 -15.14 -3.72 -15.80
CA ASP A 624 -14.03 -2.88 -16.25
C ASP A 624 -13.22 -2.36 -15.07
N HIS A 625 -13.90 -1.95 -14.00
CA HIS A 625 -13.20 -1.52 -12.80
C HIS A 625 -12.46 -2.68 -12.15
N LEU A 626 -13.01 -3.88 -12.25
CA LEU A 626 -12.29 -5.06 -11.72
C LEU A 626 -11.02 -5.30 -12.52
N LYS A 627 -11.07 -5.10 -13.84
CA LYS A 627 -9.86 -5.22 -14.65
C LYS A 627 -8.85 -4.13 -14.31
N ILE A 628 -9.33 -2.90 -14.08
CA ILE A 628 -8.42 -1.77 -13.86
C ILE A 628 -7.96 -1.66 -12.42
N SER A 629 -8.49 -2.49 -11.51
CA SER A 629 -8.04 -2.46 -10.13
C SER A 629 -6.57 -2.82 -9.99
N ILE A 630 -6.03 -3.63 -10.89
CA ILE A 630 -4.65 -4.09 -10.79
C ILE A 630 -3.66 -3.02 -11.20
N PRO A 631 -3.76 -2.39 -12.38
CA PRO A 631 -2.73 -1.39 -12.75
C PRO A 631 -2.65 -0.20 -11.82
N MET A 632 -3.76 0.23 -11.23
CA MET A 632 -3.71 1.36 -10.31
C MET A 632 -2.90 1.02 -9.06
N CYS A 633 -3.15 -0.15 -8.47
CA CYS A 633 -2.36 -0.57 -7.30
C CYS A 633 -0.91 -0.83 -7.69
N LEU A 634 -0.67 -1.35 -8.89
CA LEU A 634 0.71 -1.55 -9.34
C LEU A 634 1.45 -0.22 -9.46
N SER A 635 0.80 0.78 -10.04
CA SER A 635 1.42 2.11 -10.15
C SER A 635 1.63 2.73 -8.78
N LEU A 636 0.68 2.54 -7.86
CA LEU A 636 0.85 3.05 -6.50
C LEU A 636 2.01 2.38 -5.79
N GLY A 637 2.16 1.07 -5.95
CA GLY A 637 3.27 0.36 -5.32
C GLY A 637 4.61 0.64 -5.97
N LEU A 638 4.61 1.05 -7.24
CA LEU A 638 5.86 1.38 -7.91
C LEU A 638 6.53 2.62 -7.32
N VAL A 639 5.79 3.43 -6.56
CA VAL A 639 6.33 4.65 -5.97
C VAL A 639 6.33 4.59 -4.44
N GLY A 640 6.30 3.39 -3.87
CA GLY A 640 6.43 3.21 -2.44
C GLY A 640 5.13 2.98 -1.69
N LEU A 641 3.98 3.28 -2.31
CA LEU A 641 2.68 3.07 -1.67
C LEU A 641 2.32 1.60 -1.84
N SER A 642 2.96 0.77 -1.01
CA SER A 642 2.82 -0.68 -1.14
C SER A 642 1.42 -1.15 -0.73
N PHE A 643 0.86 -0.53 0.31
CA PHE A 643 -0.40 -0.98 0.88
C PHE A 643 -1.58 -0.34 0.14
N CYS A 644 -1.74 -0.76 -1.11
CA CYS A 644 -2.82 -0.29 -1.95
C CYS A 644 -4.05 -1.18 -1.80
N GLY A 645 -5.17 -0.73 -2.35
CA GLY A 645 -6.40 -1.49 -2.27
C GLY A 645 -7.54 -0.74 -2.93
N ALA A 646 -8.72 -1.34 -2.86
CA ALA A 646 -9.91 -0.76 -3.46
C ALA A 646 -11.14 -1.31 -2.73
N ASP A 647 -12.25 -0.61 -2.89
CA ASP A 647 -13.50 -1.01 -2.24
C ASP A 647 -14.01 -2.29 -2.85
N VAL A 648 -14.50 -3.21 -2.01
CA VAL A 648 -14.97 -4.51 -2.46
C VAL A 648 -16.46 -4.42 -2.77
N GLY A 649 -16.84 -4.89 -3.96
CA GLY A 649 -18.20 -4.80 -4.41
C GLY A 649 -18.58 -3.48 -5.06
N GLY A 650 -17.64 -2.56 -5.20
CA GLY A 650 -17.91 -1.28 -5.81
C GLY A 650 -18.57 -0.32 -4.86
N PHE A 651 -18.67 0.93 -5.30
CA PHE A 651 -19.32 1.99 -4.53
C PHE A 651 -20.73 2.29 -5.04
N PHE A 652 -20.86 2.57 -6.34
CA PHE A 652 -22.16 2.79 -6.96
C PHE A 652 -22.59 1.54 -7.72
N LYS A 653 -23.89 1.46 -8.02
CA LYS A 653 -24.47 0.45 -8.91
C LYS A 653 -24.19 -0.96 -8.40
N ASN A 654 -24.87 -1.29 -7.28
CA ASN A 654 -24.72 -2.52 -6.51
C ASN A 654 -24.56 -3.75 -7.40
N PRO A 655 -23.55 -4.58 -7.13
CA PRO A 655 -23.13 -5.59 -8.12
C PRO A 655 -24.02 -6.83 -8.12
N GLU A 656 -23.87 -7.60 -9.18
CA GLU A 656 -24.47 -8.92 -9.31
C GLU A 656 -23.69 -9.92 -8.46
N PRO A 657 -24.33 -11.02 -8.06
CA PRO A 657 -23.62 -11.99 -7.19
C PRO A 657 -22.35 -12.56 -7.80
N GLU A 658 -22.34 -12.83 -9.10
CA GLU A 658 -21.13 -13.37 -9.73
C GLU A 658 -20.00 -12.35 -9.71
N LEU A 659 -20.30 -11.09 -10.03
CA LEU A 659 -19.29 -10.04 -9.97
C LEU A 659 -18.83 -9.83 -8.53
N LEU A 660 -19.74 -9.96 -7.56
CA LEU A 660 -19.36 -9.84 -6.16
C LEU A 660 -18.38 -10.93 -5.75
N VAL A 661 -18.66 -12.18 -6.13
CA VAL A 661 -17.76 -13.28 -5.79
C VAL A 661 -16.42 -13.11 -6.47
N ARG A 662 -16.43 -12.68 -7.74
CA ARG A 662 -15.17 -12.48 -8.46
C ARG A 662 -14.35 -11.37 -7.84
N TRP A 663 -14.99 -10.28 -7.40
CA TRP A 663 -14.24 -9.22 -6.75
C TRP A 663 -13.72 -9.68 -5.38
N TYR A 664 -14.48 -10.51 -4.67
CA TYR A 664 -13.99 -11.03 -3.39
C TYR A 664 -12.73 -11.87 -3.61
N GLN A 665 -12.74 -12.72 -4.65
CA GLN A 665 -11.55 -13.49 -4.98
C GLN A 665 -10.40 -12.58 -5.40
N MET A 666 -10.70 -11.51 -6.14
CA MET A 666 -9.68 -10.54 -6.53
C MET A 666 -9.05 -9.86 -5.32
N GLY A 667 -9.89 -9.41 -4.38
CA GLY A 667 -9.40 -8.67 -3.23
C GLY A 667 -8.80 -9.52 -2.15
N ALA A 668 -9.04 -10.83 -2.19
CA ALA A 668 -8.38 -11.73 -1.25
C ALA A 668 -6.87 -11.80 -1.46
N TYR A 669 -6.36 -11.29 -2.58
CA TYR A 669 -4.94 -11.26 -2.88
C TYR A 669 -4.45 -9.85 -3.16
N GLN A 670 -4.89 -8.90 -2.33
CA GLN A 670 -4.46 -7.51 -2.39
C GLN A 670 -4.02 -7.05 -1.00
N PRO A 671 -3.12 -6.07 -0.92
CA PRO A 671 -2.67 -5.59 0.40
C PRO A 671 -3.79 -5.10 1.29
N PHE A 672 -4.78 -4.39 0.73
CA PHE A 672 -5.90 -3.87 1.49
C PHE A 672 -7.18 -4.51 1.02
N PHE A 673 -8.07 -4.84 1.95
CA PHE A 673 -9.25 -5.64 1.66
C PHE A 673 -10.42 -5.11 2.50
N ARG A 674 -11.34 -4.39 1.87
CA ARG A 674 -12.44 -3.76 2.57
C ARG A 674 -13.63 -3.65 1.63
N ALA A 675 -14.82 -3.96 2.17
CA ALA A 675 -16.06 -3.89 1.42
C ALA A 675 -16.82 -2.62 1.78
N HIS A 676 -17.33 -1.94 0.77
CA HIS A 676 -18.02 -0.67 0.94
C HIS A 676 -19.31 -0.68 0.12
N ALA A 677 -20.26 0.14 0.54
CA ALA A 677 -21.57 0.21 -0.10
C ALA A 677 -21.99 1.67 -0.19
N HIS A 678 -23.26 1.90 -0.52
CA HIS A 678 -23.80 3.23 -0.70
C HIS A 678 -25.21 3.27 -0.13
N LEU A 679 -25.72 4.48 0.09
CA LEU A 679 -27.07 4.64 0.64
C LEU A 679 -28.11 4.05 -0.31
N ASP A 680 -27.97 4.30 -1.61
CA ASP A 680 -28.92 3.79 -2.59
C ASP A 680 -28.78 2.28 -2.82
N THR A 681 -27.69 1.67 -2.38
CA THR A 681 -27.48 0.25 -2.54
C THR A 681 -28.17 -0.51 -1.40
N GLY A 682 -28.01 -1.83 -1.41
CA GLY A 682 -28.57 -2.70 -0.40
C GLY A 682 -27.54 -3.26 0.55
N ARG A 683 -27.97 -4.25 1.32
CA ARG A 683 -27.12 -4.93 2.29
C ARG A 683 -26.48 -6.13 1.62
N ARG A 684 -25.22 -5.98 1.21
CA ARG A 684 -24.44 -7.08 0.67
C ARG A 684 -23.40 -7.51 1.70
N GLU A 685 -23.64 -8.64 2.34
CA GLU A 685 -22.75 -9.22 3.33
C GLU A 685 -22.51 -10.67 2.96
N PRO A 686 -21.39 -11.25 3.42
CA PRO A 686 -21.10 -12.65 3.06
C PRO A 686 -22.17 -13.64 3.52
N TRP A 687 -22.88 -13.35 4.61
CA TRP A 687 -23.92 -14.27 5.06
C TRP A 687 -25.22 -14.08 4.29
N LEU A 688 -25.43 -12.89 3.72
CA LEU A 688 -26.65 -12.63 2.98
C LEU A 688 -26.58 -13.13 1.55
N LEU A 689 -25.40 -13.56 1.09
CA LEU A 689 -25.25 -14.07 -0.26
C LEU A 689 -25.91 -15.45 -0.39
N PRO A 690 -26.20 -15.88 -1.63
CA PRO A 690 -26.78 -17.23 -1.81
C PRO A 690 -25.86 -18.32 -1.28
N SER A 691 -26.47 -19.46 -0.95
CA SER A 691 -25.77 -20.52 -0.23
C SER A 691 -24.58 -21.08 -1.00
N GLN A 692 -24.72 -21.22 -2.31
CA GLN A 692 -23.60 -21.70 -3.12
C GLN A 692 -22.45 -20.70 -3.10
N HIS A 693 -22.75 -19.40 -3.15
CA HIS A 693 -21.70 -18.39 -3.12
C HIS A 693 -21.10 -18.22 -1.73
N ASN A 694 -21.85 -18.61 -0.69
CA ASN A 694 -21.37 -18.44 0.68
C ASN A 694 -20.10 -19.27 0.92
N ASP A 695 -20.08 -20.51 0.41
CA ASP A 695 -18.92 -21.36 0.58
C ASP A 695 -17.70 -20.79 -0.15
N ILE A 696 -17.93 -20.23 -1.34
CA ILE A 696 -16.82 -19.64 -2.10
C ILE A 696 -16.26 -18.41 -1.38
N ILE A 697 -17.14 -17.56 -0.83
CA ILE A 697 -16.67 -16.40 -0.10
C ILE A 697 -15.92 -16.82 1.16
N ARG A 698 -16.42 -17.83 1.86
CA ARG A 698 -15.74 -18.33 3.06
C ARG A 698 -14.38 -18.91 2.72
N ASP A 699 -14.29 -19.64 1.59
CA ASP A 699 -13.01 -20.19 1.16
C ASP A 699 -12.02 -19.08 0.81
N ALA A 700 -12.50 -18.03 0.15
CA ALA A 700 -11.63 -16.90 -0.18
C ALA A 700 -11.13 -16.22 1.10
N LEU A 701 -12.02 -16.04 2.07
CA LEU A 701 -11.62 -15.44 3.34
C LEU A 701 -10.60 -16.31 4.07
N GLY A 702 -10.81 -17.64 4.05
CA GLY A 702 -9.85 -18.53 4.67
C GLY A 702 -8.50 -18.52 3.99
N GLN A 703 -8.49 -18.44 2.65
CA GLN A 703 -7.23 -18.34 1.92
C GLN A 703 -6.51 -17.03 2.25
N ARG A 704 -7.26 -15.94 2.37
CA ARG A 704 -6.65 -14.67 2.77
C ARG A 704 -6.08 -14.74 4.18
N TYR A 705 -6.81 -15.34 5.11
CA TYR A 705 -6.35 -15.39 6.50
C TYR A 705 -5.22 -16.38 6.71
N SER A 706 -5.11 -17.41 5.86
CA SER A 706 -4.04 -18.39 6.01
C SER A 706 -2.70 -17.84 5.61
N LEU A 707 -2.66 -16.92 4.64
CA LEU A 707 -1.43 -16.34 4.14
C LEU A 707 -0.96 -15.15 4.95
N LEU A 708 -1.47 -14.98 6.17
CA LEU A 708 -1.10 -13.82 6.98
C LEU A 708 0.39 -13.72 7.30
N PRO A 709 1.10 -14.79 7.67
CA PRO A 709 2.56 -14.64 7.86
C PRO A 709 3.29 -14.22 6.59
N PHE A 710 2.85 -14.69 5.43
CA PHE A 710 3.49 -14.28 4.17
C PHE A 710 3.28 -12.79 3.92
N TRP A 711 2.06 -12.31 4.13
CA TRP A 711 1.77 -10.88 3.97
C TRP A 711 2.57 -10.05 4.97
N TYR A 712 2.67 -10.52 6.21
CA TYR A 712 3.38 -9.79 7.25
C TYR A 712 4.88 -9.71 6.93
N THR A 713 5.45 -10.81 6.46
CA THR A 713 6.86 -10.80 6.06
C THR A 713 7.09 -9.90 4.85
N LEU A 714 6.17 -9.92 3.88
CA LEU A 714 6.30 -9.05 2.71
C LEU A 714 6.24 -7.58 3.12
N LEU A 715 5.32 -7.23 4.02
CA LEU A 715 5.24 -5.86 4.49
C LEU A 715 6.46 -5.46 5.30
N TYR A 716 7.02 -6.38 6.09
CA TYR A 716 8.26 -6.08 6.80
C TYR A 716 9.41 -5.83 5.83
N GLN A 717 9.50 -6.63 4.77
CA GLN A 717 10.54 -6.42 3.77
C GLN A 717 10.35 -5.10 3.05
N ALA A 718 9.10 -4.73 2.75
CA ALA A 718 8.82 -3.44 2.13
C ALA A 718 9.19 -2.30 3.06
N HIS A 719 8.93 -2.45 4.36
CA HIS A 719 9.26 -1.42 5.33
C HIS A 719 10.77 -1.28 5.50
N ARG A 720 11.51 -2.38 5.44
CA ARG A 720 12.94 -2.35 5.65
C ARG A 720 13.74 -2.01 4.39
N GLU A 721 13.15 -2.18 3.21
CA GLU A 721 13.92 -1.95 1.99
C GLU A 721 13.25 -0.98 1.03
N GLY A 722 11.92 -0.99 0.94
CA GLY A 722 11.20 -0.16 0.00
C GLY A 722 10.68 -0.87 -1.22
N ILE A 723 11.09 -2.11 -1.44
CA ILE A 723 10.58 -2.90 -2.58
C ILE A 723 9.10 -3.18 -2.37
N PRO A 724 8.24 -2.92 -3.36
CA PRO A 724 6.80 -3.09 -3.16
C PRO A 724 6.41 -4.55 -2.97
N VAL A 725 5.27 -4.72 -2.30
CA VAL A 725 4.73 -6.06 -2.07
C VAL A 725 4.08 -6.60 -3.33
N MET A 726 3.16 -5.84 -3.91
CA MET A 726 2.47 -6.22 -5.14
C MET A 726 3.22 -5.56 -6.29
N ARG A 727 4.10 -6.32 -6.94
CA ARG A 727 4.95 -5.81 -8.00
C ARG A 727 4.61 -6.48 -9.33
N PRO A 728 4.85 -5.81 -10.46
CA PRO A 728 4.57 -6.43 -11.76
C PRO A 728 5.57 -7.52 -12.12
N LEU A 729 5.39 -8.11 -13.31
CA LEU A 729 6.21 -9.27 -13.70
C LEU A 729 7.61 -8.86 -14.14
N TRP A 730 7.75 -7.70 -14.77
CA TRP A 730 9.05 -7.27 -15.30
C TRP A 730 10.04 -6.89 -14.22
N VAL A 731 9.60 -6.71 -12.98
CA VAL A 731 10.53 -6.41 -11.89
C VAL A 731 11.42 -7.61 -11.60
N GLN A 732 10.82 -8.79 -11.49
CA GLN A 732 11.59 -10.01 -11.26
C GLN A 732 12.29 -10.50 -12.52
N TYR A 733 11.74 -10.16 -13.70
CA TYR A 733 12.29 -10.59 -14.98
C TYR A 733 12.50 -9.36 -15.86
N PRO A 734 13.59 -8.62 -15.66
CA PRO A 734 13.81 -7.38 -16.41
C PRO A 734 14.33 -7.57 -17.82
N GLN A 735 14.36 -8.80 -18.34
CA GLN A 735 14.84 -9.05 -19.69
C GLN A 735 13.81 -9.69 -20.60
N ASP A 736 12.61 -9.96 -20.09
CA ASP A 736 11.53 -10.55 -20.90
C ASP A 736 10.64 -9.41 -21.39
N VAL A 737 10.64 -9.19 -22.70
CA VAL A 737 9.89 -8.08 -23.27
C VAL A 737 8.39 -8.33 -23.17
N THR A 738 7.97 -9.60 -23.21
CA THR A 738 6.54 -9.91 -23.15
C THR A 738 5.90 -9.44 -21.84
N THR A 739 6.65 -9.51 -20.74
CA THR A 739 6.15 -9.03 -19.45
C THR A 739 6.07 -7.51 -19.38
N PHE A 740 6.60 -6.79 -20.38
CA PHE A 740 6.67 -5.34 -20.31
C PHE A 740 5.30 -4.67 -20.35
N ASN A 741 4.26 -5.37 -20.84
CA ASN A 741 2.94 -4.77 -20.99
C ASN A 741 1.85 -5.66 -20.40
N ILE A 742 2.15 -6.38 -19.32
CA ILE A 742 1.20 -7.28 -18.70
C ILE A 742 0.70 -6.64 -17.42
N ASP A 743 -0.60 -6.38 -17.35
CA ASP A 743 -1.26 -5.94 -16.13
C ASP A 743 -2.39 -6.87 -15.70
N ASP A 744 -2.56 -8.00 -16.39
CA ASP A 744 -3.61 -8.94 -16.01
C ASP A 744 -3.21 -9.76 -14.78
N GLN A 745 -1.90 -10.00 -14.61
CA GLN A 745 -1.40 -10.80 -13.52
C GLN A 745 -0.28 -10.06 -12.81
N TYR A 746 -0.06 -10.39 -11.54
CA TYR A 746 0.94 -9.71 -10.74
C TYR A 746 1.67 -10.73 -9.85
N LEU A 747 2.68 -10.23 -9.15
CA LEU A 747 3.52 -11.05 -8.28
C LEU A 747 3.43 -10.53 -6.85
N LEU A 748 3.22 -11.44 -5.91
CA LEU A 748 3.21 -11.12 -4.48
C LEU A 748 4.59 -11.45 -3.94
N GLY A 749 5.50 -10.48 -4.01
CA GLY A 749 6.88 -10.72 -3.66
C GLY A 749 7.64 -11.37 -4.79
N ASP A 750 8.20 -12.55 -4.53
CA ASP A 750 8.88 -13.30 -5.58
C ASP A 750 8.55 -14.79 -5.54
N ALA A 751 7.41 -15.15 -4.97
CA ALA A 751 7.01 -16.55 -4.84
C ALA A 751 5.65 -16.86 -5.44
N LEU A 752 4.69 -15.95 -5.32
CA LEU A 752 3.31 -16.19 -5.75
C LEU A 752 2.98 -15.34 -6.96
N LEU A 753 2.46 -15.99 -8.00
CA LEU A 753 1.97 -15.34 -9.20
C LEU A 753 0.45 -15.45 -9.21
N VAL A 754 -0.24 -14.31 -9.30
CA VAL A 754 -1.69 -14.25 -9.20
C VAL A 754 -2.25 -13.71 -10.51
N HIS A 755 -3.17 -14.47 -11.12
CA HIS A 755 -3.89 -14.05 -12.32
C HIS A 755 -5.37 -14.29 -12.07
N PRO A 756 -6.03 -13.38 -11.36
CA PRO A 756 -7.45 -13.59 -11.03
C PRO A 756 -8.34 -13.48 -12.25
N VAL A 757 -9.52 -14.09 -12.15
CA VAL A 757 -10.51 -14.07 -13.21
C VAL A 757 -11.12 -12.67 -13.28
N SER A 758 -11.17 -12.11 -14.48
CA SER A 758 -11.66 -10.75 -14.70
C SER A 758 -12.70 -10.72 -15.81
N ASP A 759 -13.48 -11.78 -15.95
CA ASP A 759 -14.51 -11.86 -16.97
C ASP A 759 -15.76 -12.52 -16.39
N SER A 760 -16.90 -12.24 -17.01
CA SER A 760 -18.18 -12.76 -16.56
C SER A 760 -18.42 -14.13 -17.20
N GLY A 761 -18.31 -15.18 -16.39
CA GLY A 761 -18.55 -16.53 -16.87
C GLY A 761 -17.53 -17.02 -17.87
N ALA A 762 -16.26 -16.70 -17.65
CA ALA A 762 -15.20 -17.17 -18.54
C ALA A 762 -14.93 -18.64 -18.30
N HIS A 763 -14.83 -19.42 -19.38
CA HIS A 763 -14.57 -20.85 -19.25
C HIS A 763 -13.11 -21.15 -18.95
N GLY A 764 -12.22 -20.17 -19.04
CA GLY A 764 -10.81 -20.39 -18.76
C GLY A 764 -9.99 -19.13 -18.93
N VAL A 765 -8.76 -19.14 -18.41
CA VAL A 765 -7.88 -17.99 -18.47
C VAL A 765 -6.51 -18.42 -18.98
N GLN A 766 -5.82 -17.48 -19.62
CA GLN A 766 -4.46 -17.70 -20.11
C GLN A 766 -3.48 -16.98 -19.18
N VAL A 767 -2.55 -17.74 -18.61
CA VAL A 767 -1.57 -17.22 -17.66
C VAL A 767 -0.19 -17.36 -18.27
N TYR A 768 0.57 -16.27 -18.29
CA TYR A 768 1.92 -16.28 -18.84
C TYR A 768 2.90 -16.65 -17.74
N LEU A 769 3.63 -17.74 -17.95
CA LEU A 769 4.63 -18.21 -17.00
C LEU A 769 6.02 -17.90 -17.55
N PRO A 770 6.76 -16.96 -16.99
CA PRO A 770 8.09 -16.64 -17.49
C PRO A 770 9.18 -17.44 -16.78
N GLY A 771 10.39 -17.30 -17.30
CA GLY A 771 11.55 -17.94 -16.66
C GLY A 771 12.23 -18.92 -17.59
N GLN A 772 13.55 -18.79 -17.67
CA GLN A 772 14.37 -19.68 -18.50
C GLN A 772 14.68 -20.94 -17.71
N GLY A 773 13.93 -22.01 -17.98
CA GLY A 773 14.08 -23.25 -17.24
C GLY A 773 13.59 -23.11 -15.82
N GLU A 774 12.30 -22.78 -15.66
CA GLU A 774 11.71 -22.52 -14.36
C GLU A 774 10.36 -23.19 -14.27
N VAL A 775 10.01 -23.65 -13.07
CA VAL A 775 8.78 -24.40 -12.86
C VAL A 775 7.86 -23.61 -11.94
N TRP A 776 6.56 -23.85 -12.11
CA TRP A 776 5.53 -23.25 -11.26
C TRP A 776 4.54 -24.33 -10.86
N TYR A 777 4.08 -24.28 -9.61
CA TYR A 777 3.11 -25.25 -9.11
C TYR A 777 1.83 -24.53 -8.71
N ASP A 778 0.71 -24.94 -9.30
CA ASP A 778 -0.57 -24.35 -8.90
C ASP A 778 -0.92 -24.80 -7.48
N ILE A 779 -1.64 -23.92 -6.77
CA ILE A 779 -1.92 -24.17 -5.36
C ILE A 779 -2.87 -25.34 -5.20
N GLN A 780 -3.85 -25.48 -6.09
CA GLN A 780 -4.88 -26.49 -5.92
C GLN A 780 -4.37 -27.89 -6.22
N SER A 781 -3.97 -28.13 -7.46
CA SER A 781 -3.63 -29.48 -7.91
C SER A 781 -2.14 -29.81 -7.81
N TYR A 782 -1.30 -28.84 -7.46
CA TYR A 782 0.15 -28.99 -7.40
C TYR A 782 0.75 -29.47 -8.71
N GLN A 783 0.09 -29.17 -9.83
CA GLN A 783 0.61 -29.53 -11.14
C GLN A 783 1.81 -28.65 -11.48
N LYS A 784 2.85 -29.26 -12.05
CA LYS A 784 4.07 -28.54 -12.39
C LYS A 784 4.02 -28.11 -13.84
N HIS A 785 4.26 -26.82 -14.08
CA HIS A 785 4.28 -26.25 -15.42
C HIS A 785 5.62 -25.56 -15.64
N HIS A 786 6.27 -25.89 -16.76
CA HIS A 786 7.55 -25.30 -17.11
C HIS A 786 7.35 -24.00 -17.86
N GLY A 787 8.31 -23.08 -17.71
CA GLY A 787 8.26 -21.80 -18.38
C GLY A 787 9.36 -21.65 -19.41
N PRO A 788 9.24 -20.63 -20.27
CA PRO A 788 8.16 -19.65 -20.36
C PRO A 788 7.10 -20.06 -21.38
N GLN A 789 5.82 -19.87 -21.06
CA GLN A 789 4.74 -20.25 -21.97
C GLN A 789 3.49 -19.50 -21.58
N THR A 790 2.39 -19.81 -22.26
CA THR A 790 1.07 -19.28 -21.96
C THR A 790 0.13 -20.46 -21.72
N LEU A 791 -0.13 -20.76 -20.45
CA LEU A 791 -0.98 -21.89 -20.10
C LEU A 791 -2.44 -21.47 -20.08
N TYR A 792 -3.27 -22.18 -20.85
CA TYR A 792 -4.71 -21.96 -20.87
C TYR A 792 -5.33 -22.95 -19.89
N LEU A 793 -5.74 -22.45 -18.73
CA LEU A 793 -6.32 -23.30 -17.70
C LEU A 793 -7.78 -22.98 -17.51
N PRO A 794 -8.65 -23.99 -17.51
CA PRO A 794 -10.08 -23.72 -17.28
C PRO A 794 -10.33 -23.30 -15.85
N VAL A 795 -11.36 -22.47 -15.65
CA VAL A 795 -11.72 -21.96 -14.34
C VAL A 795 -13.21 -22.19 -14.10
N THR A 796 -13.57 -22.20 -12.82
CA THR A 796 -14.96 -22.24 -12.40
C THR A 796 -15.23 -21.09 -11.45
N LEU A 797 -16.41 -21.07 -10.82
CA LEU A 797 -16.73 -20.01 -9.88
C LEU A 797 -15.89 -20.09 -8.61
N SER A 798 -15.30 -21.25 -8.32
CA SER A 798 -14.50 -21.45 -7.13
C SER A 798 -13.01 -21.53 -7.42
N SER A 799 -12.56 -20.97 -8.54
CA SER A 799 -11.17 -21.08 -8.98
C SER A 799 -10.49 -19.72 -8.84
N ILE A 800 -9.39 -19.69 -8.09
CA ILE A 800 -8.52 -18.54 -7.97
C ILE A 800 -7.14 -18.95 -8.47
N PRO A 801 -6.77 -18.58 -9.70
CA PRO A 801 -5.49 -19.06 -10.25
C PRO A 801 -4.28 -18.42 -9.57
N VAL A 802 -3.61 -19.19 -8.73
CA VAL A 802 -2.39 -18.77 -8.04
C VAL A 802 -1.34 -19.83 -8.22
N PHE A 803 -0.12 -19.41 -8.55
CA PHE A 803 1.01 -20.32 -8.73
C PHE A 803 2.12 -19.98 -7.74
N GLN A 804 2.76 -21.00 -7.21
CA GLN A 804 3.95 -20.85 -6.39
C GLN A 804 5.18 -21.10 -7.25
N ARG A 805 6.14 -20.18 -7.16
CA ARG A 805 7.37 -20.30 -7.94
C ARG A 805 8.25 -21.41 -7.39
N GLY A 806 8.82 -22.20 -8.31
CA GLY A 806 9.72 -23.28 -7.92
C GLY A 806 10.97 -22.78 -7.23
N GLY A 807 11.20 -23.25 -6.01
CA GLY A 807 12.35 -22.83 -5.25
C GLY A 807 12.04 -21.76 -4.21
N THR A 808 10.88 -21.88 -3.56
CA THR A 808 10.44 -20.90 -2.58
C THR A 808 9.89 -21.62 -1.36
N ILE A 809 9.82 -20.88 -0.25
CA ILE A 809 9.26 -21.39 1.00
C ILE A 809 8.26 -20.38 1.53
N VAL A 810 7.05 -20.85 1.83
CA VAL A 810 5.95 -19.98 2.25
C VAL A 810 5.37 -20.46 3.57
N PRO A 811 5.29 -19.62 4.60
CA PRO A 811 4.64 -20.01 5.84
C PRO A 811 3.16 -19.66 5.84
N ARG A 812 2.37 -20.50 6.51
CA ARG A 812 0.92 -20.32 6.56
C ARG A 812 0.40 -20.72 7.93
N TRP A 813 -0.77 -20.18 8.25
CA TRP A 813 -1.55 -20.57 9.42
C TRP A 813 -2.75 -21.39 8.92
N MET A 814 -2.77 -22.66 9.16
CA MET A 814 -3.84 -23.42 8.57
C MET A 814 -5.07 -23.56 9.42
N ARG A 815 -5.10 -22.90 10.53
CA ARG A 815 -6.31 -22.93 11.32
C ARG A 815 -7.08 -21.61 11.34
N VAL A 816 -8.31 -21.61 10.86
CA VAL A 816 -9.06 -20.38 10.80
C VAL A 816 -9.45 -19.98 12.17
N ARG A 817 -9.28 -18.72 12.48
CA ARG A 817 -9.67 -18.27 13.77
C ARG A 817 -10.60 -17.08 13.48
N ARG A 818 -11.40 -16.51 14.49
CA ARG A 818 -12.34 -15.40 14.29
C ARG A 818 -11.68 -14.22 13.80
N SER A 819 -10.49 -14.02 14.25
CA SER A 819 -9.82 -12.82 13.91
C SER A 819 -8.40 -13.10 13.83
N SER A 820 -7.61 -12.07 13.82
CA SER A 820 -6.19 -12.25 13.59
C SER A 820 -5.37 -12.11 14.87
N GLU A 821 -6.01 -12.18 16.04
CA GLU A 821 -5.30 -12.12 17.31
C GLU A 821 -5.10 -13.49 17.95
N CYS A 822 -6.07 -14.40 17.79
CA CYS A 822 -5.86 -15.77 18.23
C CYS A 822 -4.78 -16.46 17.40
N MET A 823 -4.71 -16.14 16.11
CA MET A 823 -3.71 -16.71 15.22
C MET A 823 -2.29 -16.22 15.52
N LYS A 824 -2.15 -15.20 16.37
CA LYS A 824 -0.82 -14.68 16.70
C LYS A 824 0.04 -15.73 17.37
N ASP A 825 -0.57 -16.68 18.08
CA ASP A 825 0.16 -17.74 18.78
C ASP A 825 -0.27 -19.11 18.26
N ASP A 826 -0.42 -19.24 16.95
CA ASP A 826 -0.85 -20.47 16.32
C ASP A 826 0.28 -21.12 15.53
N PRO A 827 0.28 -22.45 15.37
CA PRO A 827 1.41 -23.11 14.72
C PRO A 827 1.52 -22.77 13.25
N ILE A 828 2.75 -22.91 12.73
CA ILE A 828 3.11 -22.54 11.37
C ILE A 828 3.27 -23.81 10.54
N THR A 829 2.70 -23.79 9.33
CA THR A 829 2.91 -24.83 8.33
C THR A 829 3.74 -24.26 7.19
N LEU A 830 4.80 -24.97 6.81
CA LEU A 830 5.71 -24.52 5.76
C LEU A 830 5.41 -25.26 4.46
N PHE A 831 5.31 -24.51 3.37
CA PHE A 831 5.14 -25.06 2.03
C PHE A 831 6.41 -24.80 1.23
N VAL A 832 7.03 -25.86 0.72
CA VAL A 832 8.29 -25.77 0.01
C VAL A 832 8.06 -26.17 -1.44
N ALA A 833 8.35 -25.25 -2.35
CA ALA A 833 8.29 -25.51 -3.78
C ALA A 833 9.73 -25.64 -4.28
N LEU A 834 10.11 -26.86 -4.67
CA LEU A 834 11.48 -27.15 -5.06
C LEU A 834 11.78 -26.64 -6.46
N SER A 835 12.98 -26.11 -6.63
CA SER A 835 13.50 -25.76 -7.93
C SER A 835 13.86 -27.03 -8.70
N PRO A 836 14.03 -26.95 -10.02
CA PRO A 836 14.50 -28.13 -10.75
C PRO A 836 15.82 -28.68 -10.25
N GLN A 837 16.68 -27.85 -9.66
CA GLN A 837 17.90 -28.33 -9.04
C GLN A 837 17.68 -28.84 -7.62
N GLY A 838 16.48 -28.69 -7.08
CA GLY A 838 16.17 -29.19 -5.75
C GLY A 838 16.62 -28.27 -4.62
N THR A 839 16.38 -26.97 -4.78
CA THR A 839 16.74 -25.98 -3.77
C THR A 839 15.56 -25.05 -3.54
N ALA A 840 15.49 -24.48 -2.34
CA ALA A 840 14.44 -23.52 -1.99
C ALA A 840 14.93 -22.62 -0.89
N GLN A 841 14.30 -21.44 -0.78
CA GLN A 841 14.66 -20.47 0.24
C GLN A 841 13.45 -19.62 0.59
N GLY A 842 13.37 -19.24 1.87
CA GLY A 842 12.26 -18.41 2.32
C GLY A 842 12.61 -17.71 3.62
N GLU A 843 11.80 -16.71 3.95
CA GLU A 843 11.99 -15.92 5.15
C GLU A 843 10.67 -15.73 5.88
N LEU A 844 10.77 -15.46 7.18
CA LEU A 844 9.61 -15.25 8.03
C LEU A 844 9.94 -14.18 9.06
N PHE A 845 8.96 -13.31 9.33
CA PHE A 845 9.09 -12.24 10.31
C PHE A 845 7.97 -12.36 11.33
N LEU A 846 8.32 -12.31 12.61
CA LEU A 846 7.35 -12.50 13.69
C LEU A 846 7.57 -11.44 14.76
N ASP A 847 6.46 -10.95 15.30
CA ASP A 847 6.46 -9.98 16.40
C ASP A 847 5.09 -10.04 17.06
N ASP A 848 4.91 -9.25 18.13
CA ASP A 848 3.60 -9.17 18.76
C ASP A 848 2.57 -8.47 17.87
N GLY A 849 3.00 -7.62 16.95
CA GLY A 849 2.14 -7.11 15.90
C GLY A 849 1.44 -5.80 16.19
N HIS A 850 1.56 -5.24 17.40
CA HIS A 850 0.84 -4.00 17.68
C HIS A 850 1.67 -3.00 18.48
N THR A 851 3.00 -3.12 18.51
CA THR A 851 3.84 -2.20 19.26
C THR A 851 5.07 -1.85 18.44
N PHE A 852 5.87 -0.92 18.95
CA PHE A 852 7.12 -0.49 18.35
C PHE A 852 8.33 -1.15 19.02
N ASN A 853 8.14 -2.29 19.68
CA ASN A 853 9.23 -2.93 20.42
C ASN A 853 10.32 -3.47 19.50
N TYR A 854 10.02 -3.70 18.22
CA TYR A 854 11.02 -4.25 17.31
C TYR A 854 12.09 -3.24 16.93
N GLN A 855 11.94 -1.97 17.27
CA GLN A 855 12.95 -0.96 17.01
C GLN A 855 13.68 -0.49 18.26
N THR A 856 12.97 -0.34 19.38
CA THR A 856 13.59 0.21 20.58
C THR A 856 14.40 -0.86 21.31
N ARG A 857 13.74 -1.94 21.75
CA ARG A 857 14.41 -3.02 22.47
C ARG A 857 14.86 -4.15 21.56
N GLN A 858 14.67 -4.01 20.25
CA GLN A 858 15.03 -5.01 19.24
C GLN A 858 14.39 -6.36 19.55
N GLU A 859 13.06 -6.36 19.64
CA GLU A 859 12.28 -7.54 19.96
C GLU A 859 11.50 -7.95 18.70
N PHE A 860 12.13 -8.80 17.89
CA PHE A 860 11.51 -9.34 16.69
C PHE A 860 12.20 -10.65 16.36
N LEU A 861 11.60 -11.42 15.45
CA LEU A 861 12.14 -12.71 15.04
C LEU A 861 12.19 -12.76 13.51
N LEU A 862 13.39 -12.82 12.96
CA LEU A 862 13.60 -12.96 11.52
C LEU A 862 14.26 -14.32 11.29
N ARG A 863 13.53 -15.21 10.61
CA ARG A 863 14.00 -16.57 10.37
C ARG A 863 14.16 -16.81 8.87
N ARG A 864 15.18 -17.60 8.53
CA ARG A 864 15.47 -17.94 7.14
C ARG A 864 15.54 -19.45 7.01
N PHE A 865 14.75 -20.00 6.08
CA PHE A 865 14.70 -21.43 5.83
C PHE A 865 15.32 -21.71 4.47
N SER A 866 16.21 -22.69 4.42
CA SER A 866 16.93 -23.05 3.20
C SER A 866 16.88 -24.55 3.00
N PHE A 867 16.39 -24.98 1.83
CA PHE A 867 16.36 -26.39 1.43
C PHE A 867 17.44 -26.60 0.38
N SER A 868 18.49 -27.33 0.75
CA SER A 868 19.60 -27.62 -0.14
C SER A 868 19.83 -29.12 -0.20
N GLY A 869 19.94 -29.65 -1.41
CA GLY A 869 20.09 -31.08 -1.58
C GLY A 869 18.83 -31.79 -1.08
N ASN A 870 18.96 -32.49 0.05
CA ASN A 870 17.82 -33.10 0.73
C ASN A 870 17.79 -32.72 2.21
N THR A 871 18.41 -31.58 2.55
CA THR A 871 18.46 -31.10 3.92
C THR A 871 17.79 -29.73 4.00
N LEU A 872 16.87 -29.57 4.93
CA LEU A 872 16.18 -28.31 5.15
C LEU A 872 16.61 -27.74 6.50
N VAL A 873 17.27 -26.59 6.48
CA VAL A 873 17.80 -25.99 7.69
C VAL A 873 17.15 -24.62 7.91
N SER A 874 17.23 -24.16 9.15
CA SER A 874 16.70 -22.86 9.53
C SER A 874 17.78 -22.10 10.31
N SER A 875 17.80 -20.78 10.12
CA SER A 875 18.78 -19.94 10.77
C SER A 875 18.18 -18.55 10.99
N SER A 876 18.97 -17.66 11.57
CA SER A 876 18.54 -16.30 11.85
C SER A 876 19.08 -15.37 10.76
N ALA A 877 18.15 -14.74 10.02
CA ALA A 877 18.57 -13.78 9.01
C ALA A 877 19.22 -12.56 9.65
N ASP A 878 18.66 -12.09 10.76
CA ASP A 878 19.25 -10.99 11.52
C ASP A 878 19.56 -11.50 12.92
N PRO A 879 20.85 -11.66 13.26
CA PRO A 879 21.19 -12.25 14.58
C PRO A 879 20.69 -11.43 15.77
N GLU A 880 20.61 -10.11 15.63
CA GLU A 880 20.23 -9.24 16.74
C GLU A 880 18.72 -9.17 16.96
N GLY A 881 17.96 -10.12 16.44
CA GLY A 881 16.54 -10.17 16.70
C GLY A 881 16.17 -11.27 17.67
N HIS A 882 15.84 -10.90 18.91
CA HIS A 882 15.48 -11.84 19.95
C HIS A 882 14.01 -11.66 20.30
N PHE A 883 13.25 -12.75 20.24
CA PHE A 883 11.83 -12.71 20.54
C PHE A 883 11.37 -14.09 20.98
N GLU A 884 10.63 -14.14 22.08
CA GLU A 884 10.11 -15.40 22.62
C GLU A 884 8.67 -15.57 22.17
N THR A 885 8.40 -16.65 21.46
CA THR A 885 7.07 -16.90 20.93
C THR A 885 6.65 -18.34 21.22
N PRO A 886 5.36 -18.59 21.48
CA PRO A 886 4.91 -19.98 21.68
C PRO A 886 4.68 -20.72 20.38
N ILE A 887 4.91 -20.10 19.22
CA ILE A 887 4.62 -20.73 17.94
C ILE A 887 5.60 -21.87 17.69
N TRP A 888 5.06 -23.02 17.28
CA TRP A 888 5.85 -24.18 16.90
C TRP A 888 5.47 -24.63 15.51
N ILE A 889 6.45 -25.12 14.76
CA ILE A 889 6.20 -25.59 13.40
C ILE A 889 5.49 -26.93 13.48
N GLU A 890 4.34 -27.05 12.81
CA GLU A 890 3.47 -28.21 12.98
C GLU A 890 3.40 -29.13 11.78
N ARG A 891 3.84 -28.69 10.60
CA ARG A 891 3.74 -29.52 9.41
C ARG A 891 4.67 -28.97 8.35
N VAL A 892 5.27 -29.88 7.57
CA VAL A 892 6.14 -29.50 6.46
C VAL A 892 5.56 -30.08 5.18
N VAL A 893 5.45 -29.26 4.14
CA VAL A 893 4.95 -29.70 2.84
C VAL A 893 6.05 -29.45 1.82
N ILE A 894 6.47 -30.52 1.14
CA ILE A 894 7.49 -30.45 0.09
C ILE A 894 6.83 -30.84 -1.22
N ILE A 895 7.02 -30.01 -2.24
CA ILE A 895 6.38 -30.19 -3.54
C ILE A 895 7.45 -30.55 -4.56
N GLY A 896 7.29 -31.70 -5.21
CA GLY A 896 8.22 -32.11 -6.24
C GLY A 896 9.43 -32.85 -5.71
N ALA A 897 9.20 -33.91 -4.93
CA ALA A 897 10.28 -34.71 -4.37
C ALA A 897 9.84 -36.17 -4.30
N GLY A 898 10.82 -37.07 -4.39
CA GLY A 898 10.55 -38.48 -4.27
C GLY A 898 10.35 -38.89 -2.82
N LYS A 899 9.87 -40.12 -2.64
CA LYS A 899 9.62 -40.62 -1.30
C LYS A 899 10.94 -40.90 -0.59
N PRO A 900 11.02 -40.63 0.72
CA PRO A 900 12.21 -40.98 1.48
C PRO A 900 12.07 -42.30 2.20
N ALA A 901 13.21 -42.84 2.64
CA ALA A 901 13.24 -44.04 3.45
C ALA A 901 13.32 -43.75 4.94
N ALA A 902 13.83 -42.58 5.32
CA ALA A 902 13.93 -42.20 6.74
C ALA A 902 14.07 -40.70 6.82
N VAL A 903 13.11 -40.04 7.47
CA VAL A 903 13.14 -38.61 7.71
C VAL A 903 13.44 -38.39 9.18
N VAL A 904 14.51 -37.64 9.46
CA VAL A 904 14.93 -37.41 10.84
C VAL A 904 14.88 -35.92 11.15
N LEU A 905 15.06 -35.57 12.42
CA LEU A 905 15.07 -34.18 12.86
C LEU A 905 16.23 -33.99 13.84
N GLN A 906 17.04 -32.97 13.62
CA GLN A 906 18.20 -32.70 14.45
C GLN A 906 18.07 -31.31 15.07
N THR A 907 18.43 -31.21 16.35
CA THR A 907 18.35 -29.97 17.09
C THR A 907 19.66 -29.77 17.85
N LYS A 908 19.66 -28.80 18.76
CA LYS A 908 20.85 -28.45 19.53
C LYS A 908 20.88 -29.27 20.82
N GLY A 909 21.90 -30.12 20.96
CA GLY A 909 22.10 -30.88 22.18
C GLY A 909 20.98 -31.85 22.51
N SER A 910 20.44 -32.53 21.50
CA SER A 910 19.37 -33.48 21.70
C SER A 910 19.54 -34.62 20.70
N PRO A 911 19.12 -35.83 21.04
CA PRO A 911 19.20 -36.93 20.08
C PRO A 911 18.22 -36.73 18.92
N GLU A 912 18.59 -37.25 17.77
CA GLU A 912 17.74 -37.14 16.58
C GLU A 912 16.58 -38.12 16.67
N SER A 913 15.41 -37.68 16.25
CA SER A 913 14.19 -38.47 16.27
C SER A 913 13.72 -38.72 14.85
N ARG A 914 12.72 -39.60 14.73
CA ARG A 914 12.15 -39.98 13.44
C ARG A 914 10.72 -39.46 13.33
N LEU A 915 10.39 -38.89 12.17
CA LEU A 915 9.10 -38.27 11.92
C LEU A 915 8.35 -39.06 10.87
N SER A 916 7.08 -39.36 11.15
CA SER A 916 6.24 -40.05 10.18
C SER A 916 5.92 -39.11 9.02
N PHE A 917 5.85 -39.67 7.82
CA PHE A 917 5.66 -38.89 6.60
C PHE A 917 4.66 -39.59 5.68
N GLN A 918 4.06 -38.81 4.79
CA GLN A 918 3.15 -39.31 3.79
C GLN A 918 3.54 -38.80 2.42
N HIS A 919 3.47 -39.67 1.42
CA HIS A 919 3.87 -39.32 0.06
C HIS A 919 2.75 -39.66 -0.91
N ASP A 920 2.49 -38.75 -1.86
CA ASP A 920 1.50 -38.98 -2.89
C ASP A 920 2.19 -39.11 -4.24
N PRO A 921 2.29 -40.31 -4.81
CA PRO A 921 3.05 -40.47 -6.07
C PRO A 921 2.49 -39.71 -7.25
N GLU A 922 1.16 -39.55 -7.32
CA GLU A 922 0.56 -38.93 -8.49
C GLU A 922 0.94 -37.45 -8.61
N THR A 923 0.87 -36.72 -7.51
CA THR A 923 1.20 -35.30 -7.50
C THR A 923 2.57 -35.00 -6.92
N SER A 924 3.31 -36.03 -6.49
CA SER A 924 4.69 -35.89 -6.03
C SER A 924 4.81 -34.91 -4.86
N VAL A 925 3.92 -35.03 -3.89
CA VAL A 925 3.94 -34.19 -2.71
C VAL A 925 4.30 -35.05 -1.50
N LEU A 926 5.04 -34.44 -0.57
CA LEU A 926 5.44 -35.11 0.67
C LEU A 926 5.02 -34.24 1.85
N VAL A 927 4.49 -34.89 2.87
CA VAL A 927 4.03 -34.22 4.09
C VAL A 927 4.79 -34.82 5.27
N LEU A 928 5.53 -33.98 5.97
CA LEU A 928 6.20 -34.33 7.22
C LEU A 928 5.35 -33.87 8.38
N ARG A 929 5.03 -34.80 9.27
CA ARG A 929 4.02 -34.60 10.31
C ARG A 929 4.66 -34.20 11.63
N LYS A 930 4.24 -33.04 12.15
CA LYS A 930 4.58 -32.60 13.49
C LYS A 930 6.08 -32.58 13.80
N PRO A 931 6.83 -31.63 13.25
CA PRO A 931 8.19 -31.43 13.76
C PRO A 931 8.24 -31.10 15.24
N GLY A 932 7.26 -30.33 15.73
CA GLY A 932 7.15 -30.04 17.15
C GLY A 932 8.32 -29.26 17.71
N ILE A 933 8.83 -28.31 16.95
CA ILE A 933 10.00 -27.53 17.36
C ILE A 933 9.64 -26.05 17.29
N ASN A 934 10.11 -25.28 18.27
CA ASN A 934 9.81 -23.86 18.32
C ASN A 934 10.50 -23.13 17.17
N VAL A 935 9.87 -22.04 16.71
CA VAL A 935 10.38 -21.30 15.57
C VAL A 935 11.69 -20.61 15.91
N ALA A 936 11.81 -20.08 17.13
CA ALA A 936 12.99 -19.31 17.52
C ALA A 936 14.24 -20.17 17.61
N SER A 937 14.11 -21.49 17.68
CA SER A 937 15.25 -22.39 17.78
C SER A 937 15.55 -22.98 16.42
N ASP A 938 16.83 -22.96 16.04
CA ASP A 938 17.26 -23.49 14.75
C ASP A 938 17.41 -25.00 14.80
N TRP A 939 17.13 -25.64 13.67
CA TRP A 939 17.14 -27.10 13.58
C TRP A 939 17.61 -27.50 12.19
N SER A 940 17.46 -28.79 11.87
CA SER A 940 17.80 -29.30 10.55
C SER A 940 17.05 -30.60 10.32
N ILE A 941 16.38 -30.73 9.17
CA ILE A 941 15.64 -31.92 8.80
C ILE A 941 16.36 -32.59 7.64
N HIS A 942 16.70 -33.86 7.81
CA HIS A 942 17.41 -34.64 6.80
C HIS A 942 16.47 -35.66 6.19
N LEU A 943 16.52 -35.80 4.86
CA LEU A 943 15.69 -36.76 4.14
C LEU A 943 16.59 -37.81 3.49
N ARG A 944 16.27 -39.07 3.70
CA ARG A 944 17.04 -40.17 3.13
C ARG A 944 16.42 -40.67 1.83
N LEU B 25 -15.47 -34.17 25.65
CA LEU B 25 -14.94 -33.66 24.39
C LEU B 25 -15.47 -34.48 23.21
N THR B 26 -15.73 -35.77 23.45
CA THR B 26 -16.31 -36.60 22.41
C THR B 26 -17.79 -36.85 22.66
N ASN B 27 -18.21 -36.82 23.92
CA ASN B 27 -19.56 -37.08 24.42
C ASN B 27 -19.97 -38.54 24.18
N HIS B 28 -19.05 -39.39 23.69
CA HIS B 28 -19.31 -40.80 23.47
C HIS B 28 -18.15 -41.62 23.99
N HIS B 29 -18.43 -42.87 24.34
CA HIS B 29 -17.45 -43.74 24.98
C HIS B 29 -16.72 -44.60 23.93
N PHE B 30 -15.88 -43.93 23.15
CA PHE B 30 -14.96 -44.59 22.24
C PHE B 30 -13.61 -44.70 22.92
N TYR B 31 -13.32 -45.87 23.48
CA TYR B 31 -12.17 -46.04 24.36
C TYR B 31 -10.87 -46.11 23.58
N ASP B 32 -9.82 -45.51 24.15
CA ASP B 32 -8.47 -45.60 23.62
C ASP B 32 -7.59 -46.52 24.46
N GLU B 33 -8.20 -47.37 25.28
CA GLU B 33 -7.44 -48.19 26.22
C GLU B 33 -6.86 -49.43 25.54
N SER B 34 -7.73 -50.28 25.01
CA SER B 34 -7.29 -51.55 24.43
C SER B 34 -6.99 -51.42 22.93
N LYS B 35 -7.99 -51.06 22.14
CA LYS B 35 -7.70 -50.93 20.73
C LYS B 35 -7.16 -49.54 20.42
N PRO B 36 -6.26 -49.42 19.44
CA PRO B 36 -5.87 -48.08 18.97
C PRO B 36 -7.04 -47.39 18.31
N PHE B 37 -7.05 -46.06 18.37
CA PHE B 37 -8.14 -45.27 17.80
C PHE B 37 -8.06 -45.38 16.29
N THR B 38 -8.88 -46.25 15.71
CA THR B 38 -8.74 -46.56 14.30
C THR B 38 -9.24 -45.42 13.42
N CYS B 39 -10.54 -45.13 13.46
CA CYS B 39 -11.14 -44.16 12.56
C CYS B 39 -12.61 -44.02 12.89
N LEU B 40 -13.24 -43.04 12.24
CA LEU B 40 -14.69 -42.91 12.17
C LEU B 40 -15.21 -42.92 10.75
N ASP B 41 -14.52 -42.27 9.81
CA ASP B 41 -14.89 -42.36 8.41
C ASP B 41 -14.55 -43.73 7.83
N GLY B 42 -13.37 -44.25 8.16
CA GLY B 42 -12.93 -45.54 7.68
C GLY B 42 -11.72 -45.54 6.76
N SER B 43 -11.04 -44.40 6.59
CA SER B 43 -9.95 -44.29 5.63
C SER B 43 -8.63 -44.53 6.34
N ALA B 44 -8.28 -43.74 7.35
CA ALA B 44 -6.93 -43.83 7.92
C ALA B 44 -6.98 -44.33 9.35
N THR B 45 -5.94 -45.05 9.77
CA THR B 45 -5.84 -45.61 11.11
C THR B 45 -4.59 -45.08 11.79
N ILE B 46 -4.71 -44.79 13.09
CA ILE B 46 -3.61 -44.25 13.89
C ILE B 46 -3.61 -44.95 15.24
N PRO B 47 -2.47 -44.95 15.93
CA PRO B 47 -2.46 -45.41 17.33
C PRO B 47 -3.16 -44.41 18.24
N PHE B 48 -3.46 -44.87 19.46
CA PHE B 48 -4.16 -44.03 20.41
C PHE B 48 -3.27 -42.95 21.01
N ASP B 49 -1.94 -43.07 20.83
CA ASP B 49 -1.04 -42.04 21.33
C ASP B 49 -1.18 -40.75 20.53
N GLN B 50 -1.55 -40.86 19.25
CA GLN B 50 -1.66 -39.68 18.40
C GLN B 50 -2.96 -38.91 18.64
N VAL B 51 -3.85 -39.42 19.49
CA VAL B 51 -5.07 -38.68 19.80
C VAL B 51 -4.73 -37.51 20.73
N ASN B 52 -5.24 -36.33 20.38
CA ASN B 52 -5.03 -35.11 21.16
C ASN B 52 -3.55 -34.75 21.32
N ASP B 53 -2.82 -34.82 20.20
CA ASP B 53 -1.42 -34.39 20.17
C ASP B 53 -1.25 -33.08 19.40
N ASP B 54 -2.33 -32.31 19.26
CA ASP B 54 -2.37 -31.04 18.53
C ASP B 54 -2.02 -31.19 17.06
N TYR B 55 -2.23 -32.36 16.47
CA TYR B 55 -2.06 -32.58 15.03
C TYR B 55 -3.27 -33.34 14.52
N CYS B 56 -3.76 -32.94 13.35
CA CYS B 56 -4.96 -33.53 12.75
C CYS B 56 -4.54 -34.67 11.83
N ASP B 57 -4.56 -35.89 12.36
CA ASP B 57 -4.14 -37.04 11.59
C ASP B 57 -5.18 -37.44 10.55
N CYS B 58 -6.46 -37.46 10.93
CA CYS B 58 -7.53 -37.92 10.06
C CYS B 58 -8.17 -36.74 9.35
N LYS B 59 -8.60 -36.96 8.11
CA LYS B 59 -9.29 -35.92 7.35
C LYS B 59 -10.63 -35.54 7.97
N ASP B 60 -11.25 -36.45 8.72
CA ASP B 60 -12.50 -36.13 9.40
C ASP B 60 -12.30 -35.25 10.62
N GLY B 61 -11.09 -35.18 11.16
CA GLY B 61 -10.85 -34.43 12.36
C GLY B 61 -11.28 -35.12 13.64
N SER B 62 -11.63 -36.40 13.58
CA SER B 62 -12.10 -37.13 14.75
C SER B 62 -10.99 -37.39 15.77
N ASP B 63 -9.73 -37.29 15.38
CA ASP B 63 -8.62 -37.54 16.29
C ASP B 63 -8.29 -36.35 17.18
N GLU B 64 -8.88 -35.19 16.93
CA GLU B 64 -8.71 -34.00 17.78
C GLU B 64 -10.07 -33.44 18.13
N PRO B 65 -10.83 -34.10 19.01
CA PRO B 65 -12.16 -33.58 19.37
C PRO B 65 -12.07 -32.37 20.29
N GLY B 66 -11.14 -32.42 21.25
CA GLY B 66 -10.98 -31.33 22.19
C GLY B 66 -9.82 -30.42 21.87
N THR B 67 -9.48 -30.32 20.59
CA THR B 67 -8.35 -29.51 20.15
C THR B 67 -8.76 -28.72 18.91
N ALA B 68 -8.14 -27.56 18.74
CA ALA B 68 -8.40 -26.67 17.62
C ALA B 68 -7.55 -26.99 16.40
N ALA B 69 -6.80 -28.09 16.44
CA ALA B 69 -5.91 -28.42 15.32
C ALA B 69 -6.70 -28.74 14.05
N CYS B 70 -7.81 -29.45 14.19
CA CYS B 70 -8.56 -29.86 13.00
C CYS B 70 -9.28 -28.68 12.38
N PRO B 71 -9.07 -28.40 11.10
CA PRO B 71 -9.86 -27.33 10.44
C PRO B 71 -11.35 -27.63 10.42
N ASN B 72 -11.72 -28.90 10.31
CA ASN B 72 -13.12 -29.33 10.35
C ASN B 72 -13.33 -30.20 11.58
N GLY B 73 -14.29 -29.82 12.40
CA GLY B 73 -14.56 -30.58 13.60
C GLY B 73 -15.56 -29.88 14.50
N SER B 74 -15.61 -30.33 15.74
CA SER B 74 -16.53 -29.77 16.73
C SER B 74 -15.92 -29.97 18.12
N PHE B 75 -16.57 -29.37 19.11
CA PHE B 75 -16.11 -29.47 20.50
C PHE B 75 -17.36 -29.45 21.39
N HIS B 76 -17.74 -30.62 21.90
CA HIS B 76 -18.93 -30.73 22.74
C HIS B 76 -18.67 -30.16 24.12
N CYS B 77 -19.04 -28.90 24.34
CA CYS B 77 -18.90 -28.29 25.65
C CYS B 77 -19.88 -28.92 26.64
N THR B 78 -19.40 -29.18 27.85
CA THR B 78 -20.19 -29.82 28.89
C THR B 78 -20.61 -28.78 29.92
N ASN B 79 -21.91 -28.73 30.20
CA ASN B 79 -22.44 -27.79 31.17
C ASN B 79 -23.70 -28.37 31.80
N THR B 80 -24.04 -27.85 32.97
CA THR B 80 -25.25 -28.27 33.69
C THR B 80 -26.44 -27.36 33.40
N GLY B 81 -26.29 -26.40 32.50
CA GLY B 81 -27.35 -25.46 32.19
C GLY B 81 -28.38 -26.00 31.21
N TYR B 82 -28.72 -25.19 30.21
CA TYR B 82 -29.76 -25.55 29.24
C TYR B 82 -29.27 -25.52 27.81
N LYS B 83 -27.95 -25.44 27.58
CA LYS B 83 -27.39 -25.32 26.23
C LYS B 83 -26.34 -26.41 25.98
N PRO B 84 -26.76 -27.66 25.77
CA PRO B 84 -25.84 -28.68 25.25
C PRO B 84 -25.76 -28.61 23.74
N LEU B 85 -24.63 -28.14 23.22
CA LEU B 85 -24.48 -27.99 21.78
C LEU B 85 -22.99 -27.99 21.43
N TYR B 86 -22.72 -28.21 20.14
CA TYR B 86 -21.36 -28.20 19.62
C TYR B 86 -20.95 -26.77 19.27
N ILE B 87 -19.64 -26.57 19.21
CA ILE B 87 -19.06 -25.31 18.75
C ILE B 87 -18.04 -25.62 17.66
N PRO B 88 -17.75 -24.69 16.75
CA PRO B 88 -16.69 -24.92 15.77
C PRO B 88 -15.34 -25.12 16.46
N SER B 89 -14.48 -25.93 15.83
CA SER B 89 -13.22 -26.31 16.45
C SER B 89 -12.28 -25.13 16.65
N ASN B 90 -12.44 -24.06 15.89
CA ASN B 90 -11.56 -22.91 16.03
C ASN B 90 -11.91 -22.04 17.23
N ARG B 91 -12.98 -22.36 17.96
CA ARG B 91 -13.37 -21.62 19.14
C ARG B 91 -12.64 -22.09 20.40
N VAL B 92 -11.74 -23.06 20.28
CA VAL B 92 -11.00 -23.57 21.42
C VAL B 92 -9.70 -22.80 21.57
N ASN B 93 -9.45 -22.31 22.78
CA ASN B 93 -8.22 -21.57 23.12
C ASN B 93 -8.05 -20.33 22.24
N ASP B 94 -9.15 -19.60 22.00
CA ASP B 94 -9.10 -18.36 21.25
C ASP B 94 -9.18 -17.12 22.12
N GLY B 95 -9.22 -17.28 23.45
CA GLY B 95 -9.28 -16.17 24.37
C GLY B 95 -10.67 -15.60 24.60
N VAL B 96 -11.68 -16.13 23.93
CA VAL B 96 -13.06 -15.65 24.07
C VAL B 96 -13.93 -16.83 24.45
N CYS B 97 -14.72 -16.65 25.51
CA CYS B 97 -15.61 -17.73 25.97
C CYS B 97 -16.76 -17.91 24.97
N ASP B 98 -17.01 -19.16 24.60
CA ASP B 98 -18.07 -19.49 23.65
C ASP B 98 -19.13 -20.43 24.21
N CYS B 99 -18.88 -21.08 25.34
CA CYS B 99 -19.81 -22.02 25.95
C CYS B 99 -20.22 -21.50 27.33
N CYS B 100 -21.12 -22.25 27.97
CA CYS B 100 -21.54 -21.90 29.32
C CYS B 100 -20.38 -22.10 30.29
N ASP B 101 -19.90 -23.33 30.42
CA ASP B 101 -18.71 -23.58 31.23
C ASP B 101 -17.47 -23.10 30.51
N GLY B 102 -16.53 -22.54 31.26
CA GLY B 102 -15.29 -22.05 30.68
C GLY B 102 -14.32 -23.16 30.35
N THR B 103 -14.70 -24.04 29.43
CA THR B 103 -13.88 -25.18 29.06
C THR B 103 -13.07 -24.95 27.79
N ASP B 104 -13.44 -23.96 26.97
CA ASP B 104 -12.73 -23.72 25.73
C ASP B 104 -11.37 -23.08 25.96
N GLU B 105 -11.23 -22.33 27.05
CA GLU B 105 -9.97 -21.69 27.42
C GLU B 105 -9.24 -22.44 28.53
N TYR B 106 -9.33 -23.78 28.54
CA TYR B 106 -8.69 -24.58 29.57
C TYR B 106 -7.17 -24.49 29.50
N ASN B 107 -6.63 -24.20 28.31
CA ASN B 107 -5.20 -24.02 28.14
C ASN B 107 -4.81 -22.62 27.70
N SER B 108 -5.78 -21.77 27.34
CA SER B 108 -5.45 -20.42 26.89
C SER B 108 -4.95 -19.55 28.03
N GLY B 109 -5.62 -19.60 29.18
CA GLY B 109 -5.28 -18.81 30.33
C GLY B 109 -6.33 -17.77 30.70
N VAL B 110 -7.24 -17.46 29.77
CA VAL B 110 -8.31 -16.52 30.04
C VAL B 110 -9.36 -17.20 30.92
N ILE B 111 -9.38 -16.84 32.20
CA ILE B 111 -10.29 -17.49 33.15
C ILE B 111 -11.71 -17.02 32.90
N CYS B 112 -12.65 -17.97 32.95
CA CYS B 112 -14.06 -17.67 32.75
C CYS B 112 -14.88 -18.41 33.79
N GLU B 113 -16.06 -17.88 34.08
CA GLU B 113 -16.98 -18.47 35.05
C GLU B 113 -18.29 -18.80 34.35
N ASN B 114 -18.90 -19.91 34.75
CA ASN B 114 -20.11 -20.38 34.10
C ASN B 114 -21.31 -19.50 34.44
N THR B 115 -22.20 -19.33 33.46
CA THR B 115 -23.46 -18.61 33.66
C THR B 115 -24.62 -19.54 33.36
N CYS B 116 -24.57 -20.77 33.86
CA CYS B 116 -25.52 -21.81 33.50
C CYS B 116 -26.78 -21.67 34.36
N LYS B 117 -27.64 -20.74 33.95
CA LYS B 117 -28.94 -20.55 34.58
C LYS B 117 -29.87 -19.75 33.66
C1 NAG C . 25.77 2.32 -8.48
C2 NAG C . 25.16 0.98 -8.05
C3 NAG C . 26.17 -0.16 -8.23
C4 NAG C . 26.72 -0.17 -9.64
C5 NAG C . 27.32 1.19 -9.97
C6 NAG C . 27.84 1.32 -11.38
C7 NAG C . 23.49 1.47 -6.32
C8 NAG C . 23.19 1.46 -4.85
N2 NAG C . 24.71 1.04 -6.67
O3 NAG C . 25.54 -1.40 -7.94
O4 NAG C . 27.70 -1.20 -9.78
O5 NAG C . 26.31 2.20 -9.81
O6 NAG C . 26.83 1.00 -12.33
O7 NAG C . 22.67 1.84 -7.15
C1 NAG C . 27.31 -2.12 -10.83
C2 NAG C . 28.56 -2.89 -11.27
C3 NAG C . 28.20 -3.86 -12.39
C4 NAG C . 27.03 -4.75 -11.97
C5 NAG C . 25.87 -3.92 -11.47
C6 NAG C . 24.74 -4.76 -10.89
C7 NAG C . 30.62 -1.61 -10.90
C8 NAG C . 31.62 -0.67 -11.49
N2 NAG C . 29.61 -1.99 -11.69
O3 NAG C . 29.34 -4.65 -12.71
O4 NAG C . 26.60 -5.52 -13.10
O5 NAG C . 26.29 -3.04 -10.41
O6 NAG C . 25.12 -5.39 -9.68
O7 NAG C . 30.72 -2.01 -9.74
C1 BMA C . 26.98 -6.90 -12.97
C2 BMA C . 25.94 -7.75 -13.74
C3 BMA C . 26.39 -9.21 -13.81
C4 BMA C . 27.86 -9.33 -14.26
C5 BMA C . 28.75 -8.48 -13.36
C6 BMA C . 30.21 -8.53 -13.76
O2 BMA C . 25.82 -7.30 -15.08
O3 BMA C . 25.56 -9.97 -14.67
O4 BMA C . 28.28 -10.69 -14.21
O5 BMA C . 28.30 -7.11 -13.45
O6 BMA C . 30.31 -8.28 -15.15
C1 MAN C . 24.93 -11.03 -13.91
C2 MAN C . 25.07 -12.35 -14.72
C3 MAN C . 23.93 -13.33 -14.39
C4 MAN C . 22.51 -12.67 -14.47
C5 MAN C . 22.60 -11.14 -14.57
C6 MAN C . 21.29 -10.46 -14.26
O2 MAN C . 26.28 -13.04 -14.39
O3 MAN C . 24.11 -13.97 -13.13
O4 MAN C . 21.79 -13.19 -15.58
O5 MAN C . 23.57 -10.68 -13.62
O6 MAN C . 21.03 -10.60 -12.86
CA CA D . -13.48 -20.02 23.06
CA CA E . -3.58 -36.31 16.32
#